data_4OJU
#
_entry.id   4OJU
#
_cell.length_a   57.635
_cell.length_b   108.160
_cell.length_c   108.192
_cell.angle_alpha   90.000
_cell.angle_beta   90.000
_cell.angle_gamma   90.000
#
_symmetry.space_group_name_H-M   'P 21 21 21'
#
loop_
_entity.id
_entity.type
_entity.pdbx_description
1 polymer 'hypothetical leucine rich repeat protein'
2 non-polymer 1,2-ETHANEDIOL
3 non-polymer 'MAGNESIUM ION'
4 water water
#
_entity_poly.entity_id   1
_entity_poly.type   'polypeptide(L)'
_entity_poly.pdbx_seq_one_letter_code
;GASVVESTVQVGPYTFEIWFDGTATLTRYDESLAGSTYADIPASVTDENGQEYPVTVIGEKAFEETNITGVTVPDSVISI
GRLAFAYCNSLSDVKLSENLIYINELAFASCDALKEITIPASVEK(MSE)DNPFRWSNALDTVY(MSE)EG(MSE)VAPE
;
_entity_poly.pdbx_strand_id   A,B,C,D
#
loop_
_chem_comp.id
_chem_comp.type
_chem_comp.name
_chem_comp.formula
EDO non-polymer 1,2-ETHANEDIOL 'C2 H6 O2'
MG non-polymer 'MAGNESIUM ION' 'Mg 2'
#
# COMPACT_ATOMS: atom_id res chain seq x y z
N ALA A 2 24.66 22.02 1.28
CA ALA A 2 24.84 23.45 1.54
C ALA A 2 26.05 23.73 2.48
N SER A 3 26.65 22.66 3.06
CA SER A 3 27.81 22.78 3.95
C SER A 3 28.85 21.69 3.61
N VAL A 4 29.91 21.55 4.43
CA VAL A 4 31.01 20.58 4.30
C VAL A 4 31.23 19.93 5.68
N VAL A 5 31.64 18.64 5.72
CA VAL A 5 31.91 17.93 6.98
C VAL A 5 33.20 18.50 7.62
N GLU A 6 33.10 18.94 8.88
CA GLU A 6 34.26 19.43 9.64
C GLU A 6 34.95 18.25 10.29
N SER A 7 34.18 17.37 10.98
CA SER A 7 34.77 16.18 11.61
C SER A 7 33.75 15.05 11.75
N THR A 8 34.25 13.84 11.95
CA THR A 8 33.45 12.64 12.13
C THR A 8 33.71 12.15 13.54
N VAL A 9 32.63 11.89 14.30
CA VAL A 9 32.75 11.47 15.68
C VAL A 9 31.99 10.17 15.87
N GLN A 10 32.61 9.21 16.56
CA GLN A 10 31.99 7.95 16.93
C GLN A 10 31.63 7.99 18.43
N VAL A 11 30.35 7.71 18.78
CA VAL A 11 29.85 7.67 20.15
C VAL A 11 29.16 6.34 20.29
N GLY A 12 29.87 5.37 20.84
CA GLY A 12 29.35 4.01 20.95
C GLY A 12 28.91 3.48 19.59
N PRO A 13 27.62 3.14 19.40
CA PRO A 13 27.19 2.62 18.09
C PRO A 13 26.89 3.70 17.04
N TYR A 14 26.96 4.98 17.45
CA TYR A 14 26.61 6.08 16.57
C TYR A 14 27.77 6.75 15.90
N THR A 15 27.64 6.98 14.58
CA THR A 15 28.60 7.79 13.83
C THR A 15 27.93 9.12 13.52
N PHE A 16 28.63 10.23 13.79
CA PHE A 16 28.11 11.55 13.48
C PHE A 16 29.03 12.30 12.59
N GLU A 17 28.45 13.09 11.67
CA GLU A 17 29.23 14.03 10.89
C GLU A 17 28.87 15.41 11.39
N ILE A 18 29.87 16.17 11.81
CA ILE A 18 29.69 17.54 12.28
C ILE A 18 30.01 18.42 11.09
N TRP A 19 29.06 19.29 10.71
CA TRP A 19 29.15 20.19 9.57
C TRP A 19 29.69 21.55 9.97
N PHE A 20 30.27 22.31 9.03
CA PHE A 20 30.75 23.65 9.29
C PHE A 20 29.58 24.63 9.68
N ASP A 21 28.30 24.28 9.43
CA ASP A 21 27.18 25.13 9.87
C ASP A 21 26.89 24.93 11.39
N GLY A 22 27.70 24.12 12.08
CA GLY A 22 27.60 23.89 13.52
C GLY A 22 26.57 22.86 13.96
N THR A 23 26.11 22.02 13.03
CA THR A 23 25.13 20.98 13.35
C THR A 23 25.74 19.61 13.08
N ALA A 24 25.12 18.58 13.64
CA ALA A 24 25.59 17.22 13.44
C ALA A 24 24.50 16.35 12.83
N THR A 25 24.92 15.44 11.96
CA THR A 25 24.03 14.46 11.35
C THR A 25 24.42 13.09 11.85
N LEU A 26 23.43 12.29 12.30
CA LEU A 26 23.65 10.91 12.70
CA LEU A 26 23.66 10.92 12.70
C LEU A 26 23.70 10.13 11.38
N THR A 27 24.91 9.70 10.98
CA THR A 27 25.04 9.05 9.67
C THR A 27 24.92 7.54 9.69
N ARG A 28 25.28 6.89 10.82
N ARG A 28 25.27 6.89 10.83
CA ARG A 28 25.22 5.43 10.89
CA ARG A 28 25.20 5.43 10.89
C ARG A 28 25.05 4.90 12.32
C ARG A 28 25.06 4.89 12.31
N TYR A 29 24.29 3.80 12.44
CA TYR A 29 24.10 3.06 13.68
C TYR A 29 24.73 1.69 13.46
N ASP A 30 25.72 1.35 14.29
CA ASP A 30 26.42 0.09 14.18
C ASP A 30 25.93 -0.83 15.29
N GLU A 31 25.12 -1.80 14.91
CA GLU A 31 24.53 -2.82 15.78
C GLU A 31 25.50 -3.49 16.69
N SER A 32 26.66 -3.87 16.12
CA SER A 32 27.68 -4.65 16.83
C SER A 32 28.29 -3.87 17.99
N LEU A 33 28.09 -2.53 18.01
CA LEU A 33 28.66 -1.71 19.09
C LEU A 33 27.60 -1.26 20.11
N ALA A 34 26.33 -1.62 19.87
CA ALA A 34 25.24 -1.19 20.76
C ALA A 34 25.13 -2.04 22.02
N GLY A 35 24.72 -1.40 23.12
CA GLY A 35 24.50 -2.01 24.42
C GLY A 35 23.15 -2.70 24.54
N SER A 36 22.19 -2.26 23.72
CA SER A 36 20.82 -2.81 23.68
C SER A 36 20.18 -2.50 22.34
N THR A 37 18.97 -3.03 22.10
CA THR A 37 18.23 -2.81 20.85
C THR A 37 17.39 -1.53 20.94
N TYR A 38 17.43 -0.80 22.06
CA TYR A 38 16.74 0.48 22.16
C TYR A 38 17.76 1.57 21.81
N ALA A 39 17.50 2.34 20.75
CA ALA A 39 18.39 3.42 20.32
C ALA A 39 17.97 4.74 20.94
N ASP A 40 18.63 5.13 22.03
CA ASP A 40 18.36 6.41 22.71
C ASP A 40 19.34 7.38 22.10
N ILE A 41 18.95 8.02 20.99
CA ILE A 41 19.84 8.87 20.21
C ILE A 41 20.24 10.13 21.00
N PRO A 42 21.55 10.44 21.12
CA PRO A 42 21.93 11.66 21.88
C PRO A 42 21.50 12.93 21.14
N ALA A 43 21.12 13.95 21.91
CA ALA A 43 20.69 15.25 21.37
C ALA A 43 21.90 16.09 20.92
N SER A 44 23.09 15.75 21.41
CA SER A 44 24.29 16.48 21.04
C SER A 44 25.50 15.55 20.97
N VAL A 45 26.55 16.00 20.29
CA VAL A 45 27.80 15.26 20.13
C VAL A 45 28.97 16.23 20.36
N THR A 46 30.02 15.76 21.03
CA THR A 46 31.20 16.55 21.37
C THR A 46 32.36 16.15 20.48
N ASP A 47 33.06 17.14 19.89
CA ASP A 47 34.22 16.86 19.04
C ASP A 47 35.47 16.69 19.92
N GLU A 48 36.63 16.42 19.28
CA GLU A 48 37.90 16.20 20.00
C GLU A 48 38.34 17.40 20.87
N ASN A 49 37.91 18.63 20.53
CA ASN A 49 38.27 19.83 21.29
C ASN A 49 37.24 20.17 22.38
N GLY A 50 36.27 19.28 22.60
CA GLY A 50 35.25 19.47 23.62
C GLY A 50 34.09 20.38 23.25
N GLN A 51 33.98 20.81 21.98
CA GLN A 51 32.86 21.64 21.54
C GLN A 51 31.63 20.74 21.30
N GLU A 52 30.46 21.18 21.77
CA GLU A 52 29.20 20.47 21.67
C GLU A 52 28.35 20.96 20.48
N TYR A 53 27.78 20.03 19.73
CA TYR A 53 26.96 20.31 18.54
C TYR A 53 25.63 19.62 18.63
N PRO A 54 24.52 20.26 18.22
CA PRO A 54 23.24 19.59 18.26
C PRO A 54 23.08 18.56 17.12
N VAL A 55 22.42 17.44 17.40
CA VAL A 55 22.14 16.40 16.40
C VAL A 55 20.84 16.81 15.74
N THR A 56 20.92 17.41 14.57
CA THR A 56 19.71 17.97 13.94
C THR A 56 19.12 17.10 12.84
N VAL A 57 19.87 16.11 12.37
CA VAL A 57 19.40 15.25 11.26
C VAL A 57 19.73 13.80 11.53
N ILE A 58 18.78 12.89 11.21
CA ILE A 58 19.03 11.45 11.15
C ILE A 58 19.29 11.20 9.67
N GLY A 59 20.51 10.87 9.34
CA GLY A 59 20.92 10.72 7.95
C GLY A 59 20.23 9.60 7.19
N GLU A 60 20.30 9.71 5.86
CA GLU A 60 19.75 8.73 4.93
C GLU A 60 20.28 7.32 5.27
N LYS A 61 19.36 6.33 5.41
CA LYS A 61 19.70 4.93 5.72
C LYS A 61 20.54 4.73 6.99
N ALA A 62 20.55 5.69 7.94
CA ALA A 62 21.41 5.57 9.14
C ALA A 62 21.17 4.27 9.92
N PHE A 63 19.88 3.85 10.06
CA PHE A 63 19.49 2.65 10.80
C PHE A 63 18.94 1.56 9.90
N GLU A 64 19.19 1.64 8.60
CA GLU A 64 18.66 0.69 7.63
C GLU A 64 18.98 -0.75 8.00
N GLU A 65 17.96 -1.62 7.98
N GLU A 65 17.93 -1.61 8.02
CA GLU A 65 18.08 -3.06 8.24
CA GLU A 65 17.96 -3.06 8.28
C GLU A 65 18.79 -3.36 9.58
C GLU A 65 18.62 -3.44 9.62
N THR A 66 18.55 -2.57 10.63
CA THR A 66 19.18 -2.85 11.94
C THR A 66 18.18 -3.59 12.82
N ASN A 67 18.64 -4.10 13.97
CA ASN A 67 17.84 -4.93 14.88
C ASN A 67 17.12 -4.11 15.95
N ILE A 68 17.07 -2.78 15.81
CA ILE A 68 16.49 -1.94 16.86
C ILE A 68 15.01 -2.30 17.10
N THR A 69 14.61 -2.27 18.37
CA THR A 69 13.22 -2.56 18.79
C THR A 69 12.50 -1.25 19.11
N GLY A 70 13.27 -0.23 19.45
CA GLY A 70 12.73 1.07 19.82
C GLY A 70 13.74 2.18 19.56
N VAL A 71 13.23 3.40 19.43
CA VAL A 71 14.09 4.54 19.19
C VAL A 71 13.47 5.81 19.78
N THR A 72 14.33 6.65 20.39
CA THR A 72 13.98 7.99 20.80
C THR A 72 14.77 8.92 19.89
N VAL A 73 14.06 9.72 19.10
CA VAL A 73 14.63 10.75 18.24
C VAL A 73 14.58 12.03 19.09
N PRO A 74 15.73 12.57 19.54
CA PRO A 74 15.69 13.69 20.51
C PRO A 74 15.17 14.99 19.91
N ASP A 75 14.76 15.94 20.81
CA ASP A 75 14.16 17.24 20.46
CA ASP A 75 14.16 17.23 20.45
C ASP A 75 15.11 18.14 19.65
N SER A 76 16.36 17.72 19.47
CA SER A 76 17.33 18.50 18.67
C SER A 76 17.11 18.23 17.15
N VAL A 77 16.46 17.11 16.79
CA VAL A 77 16.29 16.68 15.39
C VAL A 77 15.19 17.46 14.67
N ILE A 78 15.55 18.02 13.50
CA ILE A 78 14.67 18.80 12.62
C ILE A 78 14.17 17.92 11.47
N SER A 79 15.01 16.98 11.00
CA SER A 79 14.61 16.16 9.86
C SER A 79 15.12 14.73 9.99
N ILE A 80 14.32 13.79 9.49
CA ILE A 80 14.65 12.36 9.44
C ILE A 80 14.79 12.07 7.96
N GLY A 81 15.97 11.58 7.58
CA GLY A 81 16.36 11.35 6.21
C GLY A 81 15.67 10.18 5.53
N ARG A 82 15.89 10.08 4.23
CA ARG A 82 15.34 9.04 3.37
C ARG A 82 15.75 7.65 3.87
N LEU A 83 14.80 6.71 4.02
CA LEU A 83 15.08 5.33 4.46
C LEU A 83 15.87 5.28 5.79
N ALA A 84 15.81 6.32 6.64
CA ALA A 84 16.60 6.35 7.88
C ALA A 84 16.38 5.12 8.75
N PHE A 85 15.11 4.68 8.88
CA PHE A 85 14.79 3.50 9.71
C PHE A 85 14.15 2.39 8.87
N ALA A 86 14.42 2.36 7.58
CA ALA A 86 13.77 1.37 6.75
C ALA A 86 14.27 -0.06 6.98
N TYR A 87 13.38 -1.04 6.76
N TYR A 87 13.39 -1.05 6.74
CA TYR A 87 13.61 -2.49 6.85
CA TYR A 87 13.64 -2.49 6.83
C TYR A 87 14.07 -2.90 8.25
C TYR A 87 14.03 -2.92 8.26
N CYS A 88 13.59 -2.18 9.28
CA CYS A 88 13.86 -2.48 10.69
C CYS A 88 12.71 -3.32 11.19
N ASN A 89 12.84 -4.63 11.00
CA ASN A 89 11.74 -5.53 11.24
C ASN A 89 11.42 -5.82 12.69
N SER A 90 12.22 -5.31 13.64
CA SER A 90 11.86 -5.47 15.05
C SER A 90 11.43 -4.14 15.65
N LEU A 91 11.44 -3.06 14.87
CA LEU A 91 11.12 -1.73 15.38
C LEU A 91 9.63 -1.59 15.65
N SER A 92 9.25 -1.41 16.93
CA SER A 92 7.83 -1.26 17.26
C SER A 92 7.53 0.03 18.01
N ASP A 93 8.56 0.70 18.57
CA ASP A 93 8.32 1.86 19.41
C ASP A 93 9.17 3.04 18.96
N VAL A 94 8.51 4.06 18.40
CA VAL A 94 9.20 5.23 17.89
C VAL A 94 8.74 6.45 18.69
N LYS A 95 9.68 7.12 19.38
CA LYS A 95 9.38 8.35 20.07
C LYS A 95 9.99 9.49 19.25
N LEU A 96 9.10 10.33 18.73
N LEU A 96 9.17 10.34 18.58
CA LEU A 96 9.43 11.54 18.02
CA LEU A 96 9.73 11.37 17.67
C LEU A 96 9.17 12.66 19.00
C LEU A 96 10.06 12.72 18.31
N SER A 97 9.98 13.70 18.90
N SER A 97 10.98 13.48 17.65
CA SER A 97 9.91 14.81 19.83
CA SER A 97 11.42 14.81 18.07
C SER A 97 9.50 16.07 19.13
C SER A 97 10.23 15.82 18.13
N GLU A 98 8.91 16.98 19.89
N GLU A 98 10.09 16.61 19.23
CA GLU A 98 8.53 18.30 19.39
CA GLU A 98 9.02 17.60 19.40
C GLU A 98 9.78 19.05 19.01
C GLU A 98 9.32 18.89 18.60
N ASN A 99 9.80 19.56 17.75
N ASN A 99 10.52 18.93 17.95
CA ASN A 99 10.82 20.27 16.95
CA ASN A 99 10.95 20.02 17.08
C ASN A 99 11.04 19.60 15.58
C ASN A 99 11.18 19.50 15.68
N LEU A 100 10.68 18.30 15.43
CA LEU A 100 10.79 17.61 14.15
C LEU A 100 9.94 18.34 13.14
N ILE A 101 10.49 18.67 11.96
CA ILE A 101 9.73 19.38 10.93
C ILE A 101 9.44 18.48 9.73
N TYR A 102 10.44 17.69 9.31
CA TYR A 102 10.36 16.88 8.11
C TYR A 102 10.62 15.41 8.33
N ILE A 103 9.82 14.57 7.69
CA ILE A 103 10.01 13.12 7.66
C ILE A 103 10.14 12.80 6.19
N ASN A 104 11.37 12.47 5.75
CA ASN A 104 11.66 12.22 4.34
C ASN A 104 11.16 10.90 3.87
N GLU A 105 11.20 10.73 2.56
CA GLU A 105 10.64 9.59 1.88
C GLU A 105 11.11 8.25 2.47
N LEU A 106 10.14 7.37 2.72
CA LEU A 106 10.38 5.99 3.14
C LEU A 106 11.20 5.89 4.45
N ALA A 107 11.19 6.92 5.30
CA ALA A 107 11.97 6.93 6.55
C ALA A 107 11.62 5.76 7.48
N PHE A 108 10.36 5.31 7.47
CA PHE A 108 9.94 4.16 8.29
C PHE A 108 9.35 3.10 7.37
N ALA A 109 9.97 2.91 6.20
CA ALA A 109 9.46 1.97 5.20
C ALA A 109 9.75 0.51 5.53
N SER A 110 8.81 -0.38 5.17
CA SER A 110 8.95 -1.83 5.37
C SER A 110 9.41 -2.21 6.81
N CYS A 111 8.79 -1.59 7.83
CA CYS A 111 8.99 -1.85 9.27
C CYS A 111 7.75 -2.60 9.69
N ASP A 112 7.78 -3.90 9.53
CA ASP A 112 6.59 -4.73 9.69
C ASP A 112 6.10 -4.91 11.12
N ALA A 113 6.91 -4.55 12.14
CA ALA A 113 6.45 -4.64 13.54
C ALA A 113 5.93 -3.26 14.03
N LEU A 114 6.00 -2.23 13.17
CA LEU A 114 5.56 -0.87 13.54
C LEU A 114 4.04 -0.74 13.32
N LYS A 115 3.26 -0.70 14.40
CA LYS A 115 1.79 -0.69 14.31
C LYS A 115 1.17 0.71 14.45
N GLU A 116 1.90 1.62 15.11
CA GLU A 116 1.42 2.96 15.34
C GLU A 116 2.59 3.93 15.40
N ILE A 117 2.30 5.19 15.17
CA ILE A 117 3.28 6.25 15.32
C ILE A 117 2.54 7.53 15.74
N THR A 118 3.18 8.33 16.58
CA THR A 118 2.65 9.62 17.02
C THR A 118 3.47 10.69 16.36
N ILE A 119 2.82 11.58 15.62
CA ILE A 119 3.47 12.67 14.91
C ILE A 119 3.42 13.93 15.77
N PRO A 120 4.59 14.53 16.06
CA PRO A 120 4.61 15.77 16.82
C PRO A 120 3.89 16.92 16.11
N ALA A 121 3.39 17.89 16.88
CA ALA A 121 2.69 19.07 16.34
C ALA A 121 3.61 19.93 15.42
N SER A 122 4.93 19.85 15.62
CA SER A 122 5.90 20.63 14.84
C SER A 122 6.08 20.09 13.38
N VAL A 123 5.71 18.85 13.11
CA VAL A 123 5.92 18.26 11.78
C VAL A 123 5.07 19.02 10.78
N GLU A 124 5.71 19.46 9.67
CA GLU A 124 5.03 20.23 8.64
C GLU A 124 4.80 19.43 7.37
N LYS A 125 5.67 18.47 7.11
CA LYS A 125 5.65 17.72 5.86
C LYS A 125 6.19 16.31 6.03
N MSE A 126 5.50 15.37 5.38
CA MSE A 126 5.87 13.95 5.34
C MSE A 126 5.83 13.44 3.90
O MSE A 126 4.77 13.59 3.28
CB MSE A 126 4.91 13.09 6.19
CG MSE A 126 4.95 13.43 7.67
SE MSE A 126 3.86 12.14 8.66
CE MSE A 126 2.16 12.17 7.68
N ASP A 127 6.95 12.89 3.39
CA ASP A 127 7.03 12.24 2.05
C ASP A 127 6.90 10.73 2.30
N ASN A 128 5.75 10.07 1.92
CA ASN A 128 5.37 8.67 2.23
C ASN A 128 6.45 7.88 3.04
N PRO A 129 6.50 8.11 4.36
CA PRO A 129 7.53 7.45 5.17
C PRO A 129 7.18 6.01 5.55
N PHE A 130 5.93 5.59 5.38
CA PHE A 130 5.47 4.30 5.90
C PHE A 130 5.17 3.25 4.83
N ARG A 131 5.58 3.49 3.58
CA ARG A 131 5.35 2.55 2.48
C ARG A 131 5.86 1.15 2.84
N TRP A 132 5.04 0.11 2.56
CA TRP A 132 5.32 -1.31 2.79
C TRP A 132 5.34 -1.70 4.28
N SER A 133 5.15 -0.75 5.18
CA SER A 133 5.07 -1.12 6.59
C SER A 133 3.64 -1.61 6.85
N ASN A 134 3.48 -2.94 6.72
CA ASN A 134 2.27 -3.77 6.80
C ASN A 134 1.28 -3.34 7.89
N ALA A 135 1.71 -3.30 9.16
CA ALA A 135 0.81 -3.04 10.28
C ALA A 135 0.61 -1.57 10.64
N LEU A 136 1.27 -0.64 9.95
N LEU A 136 1.22 -0.60 9.94
CA LEU A 136 1.17 0.78 10.26
CA LEU A 136 0.99 0.79 10.34
C LEU A 136 -0.12 1.36 9.70
C LEU A 136 -0.34 1.29 9.75
N ASP A 137 -1.20 1.13 10.42
N ASP A 137 -1.41 1.09 10.50
CA ASP A 137 -2.53 1.59 10.07
CA ASP A 137 -2.76 1.46 10.09
C ASP A 137 -2.77 3.00 10.50
C ASP A 137 -3.20 2.82 10.65
N THR A 138 -2.66 3.21 11.82
CA THR A 138 -3.00 4.41 12.56
C THR A 138 -1.88 5.39 12.81
N VAL A 139 -2.19 6.66 12.60
CA VAL A 139 -1.28 7.74 12.87
C VAL A 139 -1.96 8.63 13.91
N TYR A 140 -1.28 8.88 15.04
CA TYR A 140 -1.78 9.76 16.06
C TYR A 140 -1.07 11.09 15.95
N MSE A 141 -1.75 12.18 16.25
CA MSE A 141 -1.11 13.48 16.14
CA MSE A 141 -1.07 13.47 16.18
C MSE A 141 -1.10 14.14 17.48
O MSE A 141 -2.16 14.22 18.13
CB MSE A 141 -1.81 14.41 15.11
CB MSE A 141 -1.63 14.38 15.12
CG MSE A 141 -2.32 13.71 13.86
CG MSE A 141 -1.07 14.07 13.82
SE MSE A 141 -0.95 13.20 12.60
SE MSE A 141 -2.30 12.86 13.04
CE MSE A 141 -0.18 14.91 12.23
CE MSE A 141 -2.92 14.13 11.90
N GLU A 142 0.08 14.64 17.87
N GLU A 142 0.07 14.60 17.92
CA GLU A 142 0.34 15.36 19.09
CA GLU A 142 0.17 15.27 19.19
C GLU A 142 -0.26 16.76 18.98
C GLU A 142 -0.26 16.71 19.01
N GLY A 143 -0.97 17.21 20.02
CA GLY A 143 -1.49 18.56 20.06
C GLY A 143 -0.36 19.51 20.42
N MSE A 144 -0.55 20.81 20.17
CA MSE A 144 0.47 21.82 20.48
C MSE A 144 0.49 22.14 21.98
O MSE A 144 -0.43 21.74 22.70
CB MSE A 144 0.22 23.09 19.67
CG MSE A 144 1.50 23.72 19.15
SE MSE A 144 1.32 25.64 18.96
CE MSE A 144 1.25 26.16 20.87
N VAL B 4 -30.19 7.30 18.38
CA VAL B 4 -31.34 6.97 17.55
C VAL B 4 -31.59 8.11 16.56
N VAL B 5 -31.95 7.78 15.29
CA VAL B 5 -32.28 8.75 14.24
C VAL B 5 -33.64 9.37 14.56
N GLU B 6 -33.67 10.70 14.67
CA GLU B 6 -34.89 11.48 14.92
C GLU B 6 -35.64 11.72 13.62
N SER B 7 -34.90 12.05 12.52
CA SER B 7 -35.47 12.28 11.20
CA SER B 7 -35.46 12.33 11.21
C SER B 7 -34.38 12.27 10.13
N THR B 8 -34.81 12.10 8.89
CA THR B 8 -33.96 12.10 7.72
C THR B 8 -34.33 13.34 6.94
N VAL B 9 -33.33 14.15 6.60
CA VAL B 9 -33.56 15.39 5.85
C VAL B 9 -32.77 15.34 4.56
N GLN B 10 -33.44 15.67 3.44
CA GLN B 10 -32.81 15.75 2.13
C GLN B 10 -32.62 17.22 1.77
N VAL B 11 -31.38 17.64 1.44
CA VAL B 11 -31.03 19.00 1.02
C VAL B 11 -30.28 18.86 -0.29
N GLY B 12 -31.01 19.00 -1.40
CA GLY B 12 -30.43 18.80 -2.72
C GLY B 12 -29.81 17.42 -2.85
N PRO B 13 -28.48 17.31 -3.10
CA PRO B 13 -27.90 15.97 -3.23
C PRO B 13 -27.54 15.32 -1.89
N TYR B 14 -27.73 16.05 -0.77
CA TYR B 14 -27.34 15.57 0.55
C TYR B 14 -28.45 14.95 1.34
N THR B 15 -28.18 13.78 1.94
CA THR B 15 -29.10 13.15 2.89
C THR B 15 -28.45 13.26 4.24
N PHE B 16 -29.21 13.72 5.23
CA PHE B 16 -28.73 13.80 6.60
C PHE B 16 -29.61 13.02 7.53
N GLU B 17 -28.99 12.41 8.55
CA GLU B 17 -29.73 11.78 9.63
C GLU B 17 -29.50 12.60 10.86
N ILE B 18 -30.59 12.97 11.54
CA ILE B 18 -30.60 13.76 12.78
C ILE B 18 -30.69 12.77 13.93
N TRP B 19 -29.78 12.90 14.88
CA TRP B 19 -29.72 12.00 16.03
C TRP B 19 -30.34 12.59 17.27
N PHE B 20 -30.67 11.71 18.24
CA PHE B 20 -31.23 12.02 19.56
C PHE B 20 -30.33 13.03 20.29
N ASP B 21 -29.00 12.95 20.09
CA ASP B 21 -28.06 13.86 20.77
C ASP B 21 -27.98 15.28 20.13
N GLY B 22 -28.82 15.56 19.13
CA GLY B 22 -28.88 16.88 18.52
C GLY B 22 -27.81 17.15 17.48
N THR B 23 -27.18 16.10 16.94
CA THR B 23 -26.19 16.28 15.88
C THR B 23 -26.67 15.60 14.61
N ALA B 24 -26.05 15.96 13.47
CA ALA B 24 -26.46 15.38 12.19
C ALA B 24 -25.29 14.72 11.53
N THR B 25 -25.58 13.62 10.83
CA THR B 25 -24.59 12.93 10.04
C THR B 25 -24.99 13.05 8.58
N LEU B 26 -24.04 13.40 7.71
CA LEU B 26 -24.25 13.39 6.27
CA LEU B 26 -24.25 13.38 6.26
C LEU B 26 -24.14 11.91 5.86
N THR B 27 -25.26 11.27 5.53
CA THR B 27 -25.23 9.83 5.24
C THR B 27 -25.06 9.49 3.78
N ARG B 28 -25.46 10.39 2.85
CA ARG B 28 -25.36 10.08 1.43
CA ARG B 28 -25.35 10.09 1.43
C ARG B 28 -25.31 11.35 0.57
N TYR B 29 -24.48 11.29 -0.48
CA TYR B 29 -24.37 12.31 -1.51
C TYR B 29 -24.86 11.66 -2.79
N ASP B 30 -25.91 12.23 -3.38
CA ASP B 30 -26.48 11.67 -4.61
C ASP B 30 -26.06 12.55 -5.76
N GLU B 31 -25.07 12.09 -6.56
CA GLU B 31 -24.53 12.89 -7.65
C GLU B 31 -25.58 13.26 -8.72
N SER B 32 -26.64 12.44 -8.90
CA SER B 32 -27.69 12.71 -9.90
C SER B 32 -28.53 13.94 -9.48
N LEU B 33 -28.46 14.35 -8.20
CA LEU B 33 -29.22 15.51 -7.71
C LEU B 33 -28.35 16.77 -7.56
N ALA B 34 -27.03 16.64 -7.75
CA ALA B 34 -26.08 17.75 -7.56
C ALA B 34 -26.09 18.75 -8.71
N GLY B 35 -25.82 19.99 -8.38
CA GLY B 35 -25.75 21.08 -9.35
C GLY B 35 -24.36 21.28 -9.91
N SER B 36 -23.34 20.68 -9.30
CA SER B 36 -21.93 20.72 -9.74
C SER B 36 -21.17 19.59 -9.09
N THR B 37 -19.91 19.38 -9.53
CA THR B 37 -19.05 18.32 -8.99
C THR B 37 -18.25 18.82 -7.78
N TYR B 38 -18.45 20.06 -7.35
CA TYR B 38 -17.81 20.55 -6.13
C TYR B 38 -18.81 20.38 -4.99
N ALA B 39 -18.46 19.60 -3.95
CA ALA B 39 -19.34 19.36 -2.80
C ALA B 39 -18.99 20.31 -1.67
N ASP B 40 -19.77 21.40 -1.56
CA ASP B 40 -19.60 22.38 -0.49
C ASP B 40 -20.56 21.93 0.60
N ILE B 41 -20.10 21.03 1.47
CA ILE B 41 -20.96 20.40 2.48
C ILE B 41 -21.49 21.42 3.50
N PRO B 42 -22.83 21.49 3.72
CA PRO B 42 -23.34 22.45 4.73
C PRO B 42 -22.91 22.07 6.14
N ALA B 43 -22.68 23.10 6.94
CA ALA B 43 -22.24 22.99 8.33
C ALA B 43 -23.43 22.67 9.26
N SER B 44 -24.66 22.91 8.76
CA SER B 44 -25.87 22.66 9.53
CA SER B 44 -25.88 22.70 9.51
C SER B 44 -27.01 22.18 8.64
N VAL B 45 -28.04 21.58 9.26
CA VAL B 45 -29.24 21.10 8.55
C VAL B 45 -30.46 21.47 9.42
N THR B 46 -31.55 21.91 8.78
CA THR B 46 -32.79 22.30 9.46
C THR B 46 -33.84 21.23 9.19
N ASP B 47 -34.54 20.79 10.26
CA ASP B 47 -35.57 19.79 10.12
C ASP B 47 -36.91 20.48 9.74
N GLU B 48 -37.98 19.67 9.60
CA GLU B 48 -39.32 20.10 9.20
C GLU B 48 -39.97 21.13 10.15
N ASN B 49 -39.47 21.23 11.41
CA ASN B 49 -40.00 22.18 12.39
C ASN B 49 -39.09 23.41 12.55
N GLY B 50 -38.08 23.54 11.70
CA GLY B 50 -37.18 24.69 11.72
C GLY B 50 -36.04 24.63 12.72
N GLN B 51 -35.85 23.48 13.39
CA GLN B 51 -34.74 23.32 14.33
C GLN B 51 -33.45 23.04 13.55
N GLU B 52 -32.36 23.72 13.91
CA GLU B 52 -31.04 23.59 13.27
C GLU B 52 -30.16 22.62 14.03
N TYR B 53 -29.44 21.77 13.28
CA TYR B 53 -28.51 20.80 13.85
C TYR B 53 -27.14 20.88 13.19
N PRO B 54 -26.03 20.81 13.95
CA PRO B 54 -24.70 20.85 13.30
C PRO B 54 -24.38 19.53 12.61
N VAL B 55 -23.69 19.61 11.48
CA VAL B 55 -23.27 18.42 10.71
C VAL B 55 -21.91 18.04 11.28
N THR B 56 -21.91 17.04 12.16
CA THR B 56 -20.68 16.71 12.90
C THR B 56 -19.94 15.51 12.34
N VAL B 57 -20.60 14.73 11.46
CA VAL B 57 -19.99 13.53 10.93
C VAL B 57 -20.29 13.40 9.44
N ILE B 58 -19.27 13.00 8.65
CA ILE B 58 -19.45 12.56 7.25
C ILE B 58 -19.55 11.07 7.37
N GLY B 59 -20.74 10.53 7.15
CA GLY B 59 -21.00 9.12 7.37
C GLY B 59 -20.20 8.18 6.53
N GLU B 60 -20.14 6.94 6.99
CA GLU B 60 -19.49 5.84 6.31
C GLU B 60 -20.01 5.74 4.86
N LYS B 61 -19.09 5.69 3.88
CA LYS B 61 -19.41 5.57 2.45
C LYS B 61 -20.37 6.66 1.91
N ALA B 62 -20.48 7.83 2.58
CA ALA B 62 -21.44 8.85 2.12
C ALA B 62 -21.23 9.27 0.66
N PHE B 63 -19.97 9.43 0.23
CA PHE B 63 -19.62 9.87 -1.12
C PHE B 63 -19.01 8.75 -1.96
N GLU B 64 -19.18 7.50 -1.53
CA GLU B 64 -18.59 6.34 -2.22
C GLU B 64 -18.90 6.32 -3.73
N GLU B 65 -17.84 6.21 -4.56
CA GLU B 65 -17.94 6.07 -6.03
CA GLU B 65 -17.87 6.12 -6.03
C GLU B 65 -18.66 7.27 -6.68
N THR B 66 -18.56 8.49 -6.14
CA THR B 66 -19.24 9.63 -6.75
C THR B 66 -18.28 10.38 -7.65
N ASN B 67 -18.81 11.32 -8.45
CA ASN B 67 -18.03 12.05 -9.48
C ASN B 67 -17.45 13.36 -8.96
N ILE B 68 -17.43 13.57 -7.65
CA ILE B 68 -16.96 14.85 -7.13
C ILE B 68 -15.49 15.13 -7.52
N THR B 69 -15.21 16.40 -7.83
CA THR B 69 -13.87 16.86 -8.19
C THR B 69 -13.23 17.59 -7.02
N GLY B 70 -14.05 18.11 -6.13
CA GLY B 70 -13.60 18.84 -4.97
C GLY B 70 -14.59 18.78 -3.83
N VAL B 71 -14.12 19.02 -2.60
CA VAL B 71 -14.97 18.99 -1.43
C VAL B 71 -14.44 19.92 -0.34
N THR B 72 -15.36 20.64 0.31
CA THR B 72 -15.09 21.40 1.52
C THR B 72 -15.82 20.69 2.65
N VAL B 73 -15.06 20.24 3.63
CA VAL B 73 -15.59 19.59 4.84
C VAL B 73 -15.67 20.73 5.87
N PRO B 74 -16.90 21.18 6.27
CA PRO B 74 -17.02 22.40 7.12
C PRO B 74 -16.51 22.19 8.55
N ASP B 75 -16.25 23.31 9.27
CA ASP B 75 -15.66 23.27 10.61
C ASP B 75 -16.59 22.69 11.69
N SER B 76 -17.82 22.29 11.32
CA SER B 76 -18.75 21.62 12.24
C SER B 76 -18.38 20.14 12.35
N VAL B 77 -17.63 19.61 11.36
CA VAL B 77 -17.32 18.18 11.29
C VAL B 77 -16.18 17.77 12.24
N ILE B 78 -16.46 16.79 13.09
CA ILE B 78 -15.54 16.24 14.07
C ILE B 78 -14.91 14.98 13.51
N SER B 79 -15.68 14.20 12.71
CA SER B 79 -15.19 12.94 12.17
CA SER B 79 -15.19 12.94 12.16
C SER B 79 -15.59 12.71 10.73
N ILE B 80 -14.69 12.12 9.96
CA ILE B 80 -14.94 11.65 8.58
C ILE B 80 -14.94 10.14 8.71
N GLY B 81 -16.06 9.53 8.35
CA GLY B 81 -16.31 8.11 8.50
C GLY B 81 -15.50 7.22 7.58
N ARG B 82 -15.58 5.95 7.86
CA ARG B 82 -14.92 4.89 7.11
C ARG B 82 -15.36 4.94 5.64
N LEU B 83 -14.41 4.90 4.70
CA LEU B 83 -14.69 4.92 3.27
C LEU B 83 -15.63 6.07 2.83
N ALA B 84 -15.66 7.19 3.57
CA ALA B 84 -16.58 8.31 3.25
C ALA B 84 -16.41 8.83 1.82
N PHE B 85 -15.17 8.92 1.34
CA PHE B 85 -14.89 9.40 -0.01
C PHE B 85 -14.21 8.34 -0.84
N ALA B 86 -14.52 7.10 -0.57
CA ALA B 86 -13.89 6.00 -1.29
C ALA B 86 -14.26 5.95 -2.75
N TYR B 87 -13.26 5.63 -3.59
N TYR B 87 -13.26 5.64 -3.61
CA TYR B 87 -13.37 5.45 -5.04
CA TYR B 87 -13.40 5.46 -5.05
C TYR B 87 -13.92 6.70 -5.75
C TYR B 87 -13.92 6.71 -5.76
N CYS B 88 -13.61 7.91 -5.22
CA CYS B 88 -13.99 9.17 -5.88
C CYS B 88 -12.82 9.49 -6.79
N ASN B 89 -12.86 8.87 -7.96
CA ASN B 89 -11.79 8.87 -8.96
C ASN B 89 -11.47 10.25 -9.57
N SER B 90 -12.33 11.25 -9.40
CA SER B 90 -12.07 12.58 -9.96
C SER B 90 -11.74 13.58 -8.86
N LEU B 91 -11.70 13.12 -7.60
CA LEU B 91 -11.48 14.01 -6.47
C LEU B 91 -10.01 14.42 -6.36
N SER B 92 -9.76 15.73 -6.56
CA SER B 92 -8.41 16.31 -6.57
CA SER B 92 -8.40 16.27 -6.53
C SER B 92 -8.21 17.38 -5.51
N ASP B 93 -9.31 17.95 -5.00
CA ASP B 93 -9.19 19.08 -4.07
C ASP B 93 -10.02 18.84 -2.84
N VAL B 94 -9.35 18.63 -1.71
CA VAL B 94 -10.02 18.38 -0.43
C VAL B 94 -9.64 19.49 0.55
N LYS B 95 -10.64 20.23 1.03
CA LYS B 95 -10.43 21.25 2.05
C LYS B 95 -11.00 20.71 3.36
N LEU B 96 -10.08 20.51 4.30
N LEU B 96 -10.14 20.36 4.35
CA LEU B 96 -10.37 20.10 5.66
CA LEU B 96 -10.62 19.70 5.58
C LEU B 96 -10.27 21.33 6.52
C LEU B 96 -11.07 20.63 6.73
N SER B 97 -11.06 21.36 7.57
N SER B 97 -11.93 20.09 7.63
CA SER B 97 -11.17 22.50 8.43
CA SER B 97 -12.50 20.73 8.82
C SER B 97 -10.71 22.22 9.84
C SER B 97 -11.38 21.16 9.85
N GLU B 98 -10.22 23.25 10.48
N GLU B 98 -11.37 22.43 10.33
CA GLU B 98 -9.88 23.18 11.88
CA GLU B 98 -10.32 22.98 11.27
C GLU B 98 -11.20 22.98 12.66
C GLU B 98 -10.52 22.65 12.82
N ASN B 99 -11.42 21.77 13.13
CA ASN B 99 -12.12 21.20 14.28
C ASN B 99 -12.26 19.70 14.07
N LEU B 100 -11.82 19.26 12.91
CA LEU B 100 -11.80 17.83 12.59
C LEU B 100 -10.85 17.12 13.55
N ILE B 101 -11.31 16.01 14.18
CA ILE B 101 -10.52 15.26 15.14
C ILE B 101 -10.10 13.90 14.56
N TYR B 102 -11.05 13.22 13.89
CA TYR B 102 -10.82 11.86 13.39
C TYR B 102 -11.02 11.71 11.91
N ILE B 103 -10.10 10.97 11.25
CA ILE B 103 -10.22 10.57 9.85
C ILE B 103 -10.18 9.06 9.89
N ASN B 104 -11.35 8.42 9.72
CA ASN B 104 -11.48 6.98 9.85
CA ASN B 104 -11.47 6.97 9.85
C ASN B 104 -10.83 6.21 8.72
N GLU B 105 -10.74 4.88 8.88
CA GLU B 105 -10.10 3.98 7.95
C GLU B 105 -10.55 4.15 6.52
N LEU B 106 -9.58 4.30 5.62
CA LEU B 106 -9.78 4.41 4.16
C LEU B 106 -10.80 5.48 3.79
N ALA B 107 -10.79 6.61 4.54
CA ALA B 107 -11.72 7.73 4.29
C ALA B 107 -11.63 8.19 2.84
N PHE B 108 -10.41 8.19 2.24
CA PHE B 108 -10.22 8.61 0.84
C PHE B 108 -9.63 7.46 0.01
N ALA B 109 -10.09 6.25 0.29
CA ALA B 109 -9.61 5.02 -0.37
C ALA B 109 -9.71 5.12 -1.87
N SER B 110 -8.59 4.91 -2.56
CA SER B 110 -8.54 4.88 -4.03
C SER B 110 -9.04 6.18 -4.66
N CYS B 111 -8.75 7.32 -4.01
CA CYS B 111 -8.94 8.65 -4.59
C CYS B 111 -7.61 8.94 -5.27
N ASP B 112 -7.33 8.24 -6.34
CA ASP B 112 -6.03 8.25 -7.01
C ASP B 112 -5.79 9.51 -7.84
N ALA B 113 -6.75 10.46 -7.90
CA ALA B 113 -6.49 11.78 -8.53
C ALA B 113 -6.05 12.79 -7.42
N LEU B 114 -6.02 12.36 -6.16
CA LEU B 114 -5.63 13.22 -5.03
C LEU B 114 -4.09 13.24 -4.90
N LYS B 115 -3.48 14.37 -5.23
CA LYS B 115 -2.02 14.50 -5.25
C LYS B 115 -1.43 15.20 -4.02
N GLU B 116 -2.27 15.97 -3.31
N GLU B 116 -2.27 16.00 -3.32
CA GLU B 116 -1.90 16.72 -2.12
CA GLU B 116 -1.92 16.78 -2.13
C GLU B 116 -3.04 16.80 -1.14
C GLU B 116 -3.04 16.75 -1.13
N ILE B 117 -2.71 16.87 0.16
CA ILE B 117 -3.69 17.01 1.23
C ILE B 117 -2.96 17.68 2.39
N THR B 118 -3.69 18.59 3.05
CA THR B 118 -3.21 19.29 4.23
C THR B 118 -4.11 18.85 5.39
N ILE B 119 -3.47 18.38 6.46
CA ILE B 119 -4.15 17.91 7.65
C ILE B 119 -4.24 19.03 8.68
N PRO B 120 -5.47 19.37 9.15
CA PRO B 120 -5.62 20.41 10.18
C PRO B 120 -4.90 20.04 11.48
N ALA B 121 -4.50 21.06 12.24
CA ALA B 121 -3.81 20.91 13.52
C ALA B 121 -4.69 20.16 14.55
N SER B 122 -6.03 20.28 14.44
CA SER B 122 -6.98 19.65 15.37
C SER B 122 -7.06 18.11 15.25
N VAL B 123 -6.63 17.54 14.11
CA VAL B 123 -6.73 16.09 13.89
C VAL B 123 -5.88 15.39 14.94
N GLU B 124 -6.46 14.40 15.64
CA GLU B 124 -5.75 13.65 16.68
C GLU B 124 -5.40 12.25 16.23
N LYS B 125 -6.22 11.68 15.32
CA LYS B 125 -6.01 10.30 14.88
C LYS B 125 -6.51 10.13 13.46
N MSE B 126 -5.68 9.53 12.62
CA MSE B 126 -6.08 9.25 11.26
C MSE B 126 -5.51 7.95 10.78
O MSE B 126 -4.49 7.46 11.30
CB MSE B 126 -5.64 10.38 10.28
CG MSE B 126 -4.15 10.67 10.30
SE MSE B 126 -3.77 12.05 8.99
CE MSE B 126 -1.76 12.02 9.09
N ASP B 127 -6.17 7.41 9.76
CA ASP B 127 -5.74 6.27 8.97
C ASP B 127 -4.53 6.79 8.23
N ASN B 128 -3.50 5.98 8.03
CA ASN B 128 -2.29 6.36 7.28
C ASN B 128 -2.75 6.97 5.94
N PRO B 129 -2.58 8.29 5.72
CA PRO B 129 -3.13 8.92 4.51
C PRO B 129 -2.49 8.46 3.22
N PHE B 130 -1.28 7.90 3.26
CA PHE B 130 -0.62 7.43 2.05
C PHE B 130 -1.28 6.16 1.50
N ARG B 131 -2.19 5.52 2.28
CA ARG B 131 -2.94 4.34 1.79
C ARG B 131 -4.05 4.77 0.83
N TRP B 132 -4.46 6.04 0.90
CA TRP B 132 -5.59 6.59 0.14
C TRP B 132 -5.35 6.75 -1.35
N SER B 133 -4.22 7.32 -1.73
CA SER B 133 -3.98 7.65 -3.13
C SER B 133 -2.60 7.27 -3.55
N ASN B 134 -2.52 6.64 -4.72
CA ASN B 134 -1.30 6.22 -5.40
CA ASN B 134 -1.20 6.22 -5.19
C ASN B 134 -0.48 7.39 -5.89
N ALA B 135 -1.13 8.59 -5.95
CA ALA B 135 -0.54 9.83 -6.48
C ALA B 135 -0.18 10.81 -5.33
N LEU B 136 -0.46 10.43 -4.08
CA LEU B 136 -0.20 11.28 -2.91
C LEU B 136 1.23 11.06 -2.40
N ASP B 137 2.15 11.84 -2.89
CA ASP B 137 3.56 11.70 -2.51
C ASP B 137 3.89 12.33 -1.16
N THR B 138 3.23 13.45 -0.85
CA THR B 138 3.49 14.24 0.36
CA THR B 138 3.48 14.22 0.37
C THR B 138 2.19 14.67 1.04
N VAL B 139 2.21 14.67 2.38
CA VAL B 139 1.11 15.12 3.22
C VAL B 139 1.64 16.32 4.01
N TYR B 140 0.89 17.43 4.03
CA TYR B 140 1.26 18.62 4.77
C TYR B 140 0.44 18.72 6.03
N MSE B 141 1.04 19.26 7.08
CA MSE B 141 0.33 19.42 8.34
CA MSE B 141 0.30 19.44 8.33
C MSE B 141 0.24 20.89 8.67
O MSE B 141 1.26 21.58 8.65
CB MSE B 141 1.02 18.66 9.46
CB MSE B 141 0.87 18.66 9.51
CG MSE B 141 0.20 17.51 9.97
CG MSE B 141 2.09 17.83 9.21
SE MSE B 141 0.28 15.94 8.86
SE MSE B 141 1.61 16.22 8.34
CE MSE B 141 2.20 15.63 9.10
CE MSE B 141 0.91 15.26 9.95
N GLU B 142 -0.99 21.36 8.94
CA GLU B 142 -1.19 22.75 9.29
CA GLU B 142 -1.29 22.73 9.35
C GLU B 142 -0.70 22.96 10.72
N GLY B 143 -0.09 24.11 10.93
CA GLY B 143 0.41 24.50 12.23
C GLY B 143 -0.75 25.14 12.97
N MSE B 144 -0.81 24.99 14.31
CA MSE B 144 -1.89 25.57 15.12
C MSE B 144 -1.69 27.08 15.25
O MSE B 144 -2.51 27.86 14.76
CB MSE B 144 -1.97 24.91 16.49
CG MSE B 144 -3.30 25.10 17.18
SE MSE B 144 -3.12 25.25 19.11
CE MSE B 144 -2.15 26.96 19.23
N ALA C 2 -22.94 -9.25 -24.02
CA ALA C 2 -23.97 -8.39 -23.40
C ALA C 2 -25.27 -9.19 -23.20
N SER C 3 -25.73 -9.31 -21.92
CA SER C 3 -26.93 -10.08 -21.57
C SER C 3 -27.91 -9.30 -20.66
N VAL C 4 -28.99 -9.97 -20.22
CA VAL C 4 -30.07 -9.44 -19.37
C VAL C 4 -30.38 -10.48 -18.29
N VAL C 5 -30.80 -10.06 -17.07
CA VAL C 5 -31.16 -10.97 -15.97
C VAL C 5 -32.49 -11.62 -16.31
N GLU C 6 -32.54 -12.95 -16.31
CA GLU C 6 -33.76 -13.72 -16.55
C GLU C 6 -34.50 -13.88 -15.22
N SER C 7 -33.79 -14.23 -14.11
CA SER C 7 -34.43 -14.43 -12.80
C SER C 7 -33.43 -14.39 -11.67
N THR C 8 -33.92 -14.25 -10.45
CA THR C 8 -33.13 -14.17 -9.22
C THR C 8 -33.49 -15.35 -8.34
N VAL C 9 -32.49 -16.06 -7.83
CA VAL C 9 -32.71 -17.27 -7.02
C VAL C 9 -31.95 -17.16 -5.70
N GLN C 10 -32.61 -17.55 -4.61
CA GLN C 10 -32.00 -17.59 -3.28
C GLN C 10 -31.71 -19.04 -2.90
N VAL C 11 -30.46 -19.35 -2.49
CA VAL C 11 -30.03 -20.69 -2.05
C VAL C 11 -29.34 -20.48 -0.72
N GLY C 12 -30.07 -20.69 0.37
CA GLY C 12 -29.54 -20.42 1.71
C GLY C 12 -29.04 -18.99 1.82
N PRO C 13 -27.73 -18.77 2.13
CA PRO C 13 -27.23 -17.38 2.25
C PRO C 13 -26.89 -16.72 0.91
N TYR C 14 -26.99 -17.48 -0.19
CA TYR C 14 -26.58 -16.99 -1.51
C TYR C 14 -27.72 -16.49 -2.37
N THR C 15 -27.54 -15.31 -2.97
CA THR C 15 -28.45 -14.77 -3.99
C THR C 15 -27.76 -14.91 -5.34
N PHE C 16 -28.47 -15.43 -6.34
CA PHE C 16 -27.91 -15.56 -7.70
C PHE C 16 -28.78 -14.86 -8.71
N GLU C 17 -28.16 -14.28 -9.73
CA GLU C 17 -28.87 -13.75 -10.89
C GLU C 17 -28.58 -14.68 -12.05
N ILE C 18 -29.64 -15.11 -12.74
N ILE C 18 -29.62 -15.14 -12.73
CA ILE C 18 -29.60 -15.98 -13.92
CA ILE C 18 -29.44 -16.02 -13.89
C ILE C 18 -29.68 -15.09 -15.12
C ILE C 18 -29.67 -15.17 -15.12
N TRP C 19 -28.69 -15.17 -16.02
CA TRP C 19 -28.65 -14.37 -17.24
C TRP C 19 -29.19 -15.13 -18.42
N PHE C 20 -29.60 -14.38 -19.49
CA PHE C 20 -30.12 -15.03 -20.69
CA PHE C 20 -30.13 -14.98 -20.72
C PHE C 20 -29.06 -15.83 -21.43
N ASP C 21 -27.78 -15.61 -21.14
CA ASP C 21 -26.72 -16.42 -21.78
C ASP C 21 -26.55 -17.80 -21.07
N GLY C 22 -27.40 -18.12 -20.10
CA GLY C 22 -27.39 -19.41 -19.44
C GLY C 22 -26.38 -19.55 -18.33
N THR C 23 -25.92 -18.42 -17.76
CA THR C 23 -24.96 -18.46 -16.66
C THR C 23 -25.55 -17.78 -15.44
N ALA C 24 -24.98 -18.07 -14.30
CA ALA C 24 -25.42 -17.45 -13.06
C ALA C 24 -24.29 -16.67 -12.39
N THR C 25 -24.65 -15.54 -11.81
CA THR C 25 -23.73 -14.72 -11.05
C THR C 25 -24.16 -14.74 -9.59
N LEU C 26 -23.22 -15.01 -8.68
N LEU C 26 -23.22 -15.00 -8.69
CA LEU C 26 -23.48 -14.92 -7.25
CA LEU C 26 -23.48 -14.92 -7.25
C LEU C 26 -23.46 -13.43 -6.92
C LEU C 26 -23.45 -13.42 -6.91
N THR C 27 -24.62 -12.84 -6.61
CA THR C 27 -24.67 -11.38 -6.38
C THR C 27 -24.58 -10.97 -4.91
N ARG C 28 -24.95 -11.86 -3.95
CA ARG C 28 -24.93 -11.47 -2.54
CA ARG C 28 -24.91 -11.48 -2.54
C ARG C 28 -24.82 -12.68 -1.62
N TYR C 29 -24.07 -12.52 -0.52
CA TYR C 29 -23.92 -13.49 0.55
C TYR C 29 -24.50 -12.84 1.78
N ASP C 30 -25.51 -13.47 2.37
CA ASP C 30 -26.17 -12.95 3.54
C ASP C 30 -25.74 -13.77 4.77
N GLU C 31 -24.83 -13.17 5.56
CA GLU C 31 -24.27 -13.71 6.81
CA GLU C 31 -24.29 -13.69 6.82
C GLU C 31 -25.32 -14.33 7.74
N SER C 32 -26.45 -13.62 7.91
CA SER C 32 -27.52 -14.00 8.84
C SER C 32 -28.22 -15.29 8.42
N LEU C 33 -28.05 -15.72 7.15
CA LEU C 33 -28.70 -16.94 6.67
C LEU C 33 -27.71 -18.11 6.56
N ALA C 34 -26.42 -17.87 6.85
CA ALA C 34 -25.38 -18.89 6.73
C ALA C 34 -25.33 -19.82 7.94
N GLY C 35 -24.97 -21.09 7.69
CA GLY C 35 -24.82 -22.10 8.73
C GLY C 35 -23.47 -22.10 9.39
N SER C 36 -22.46 -21.51 8.72
CA SER C 36 -21.09 -21.39 9.20
C SER C 36 -20.38 -20.25 8.49
N THR C 37 -19.16 -19.91 8.94
CA THR C 37 -18.37 -18.83 8.36
C THR C 37 -17.53 -19.34 7.18
N TYR C 38 -17.65 -20.64 6.81
CA TYR C 38 -16.97 -21.16 5.62
C TYR C 38 -17.97 -21.11 4.47
N ALA C 39 -17.65 -20.35 3.42
CA ALA C 39 -18.53 -20.22 2.24
C ALA C 39 -18.14 -21.23 1.18
N ASP C 40 -18.87 -22.34 1.11
CA ASP C 40 -18.62 -23.37 0.11
C ASP C 40 -19.59 -23.04 -1.04
N ILE C 41 -19.15 -22.20 -1.96
CA ILE C 41 -20.01 -21.67 -3.01
C ILE C 41 -20.44 -22.79 -3.99
N PRO C 42 -21.77 -22.95 -4.27
CA PRO C 42 -22.18 -24.01 -5.21
C PRO C 42 -21.71 -23.72 -6.63
N ALA C 43 -21.39 -24.78 -7.39
CA ALA C 43 -20.92 -24.69 -8.78
C ALA C 43 -22.09 -24.47 -9.74
N SER C 44 -23.31 -24.75 -9.28
CA SER C 44 -24.51 -24.57 -10.10
C SER C 44 -25.70 -24.16 -9.26
N VAL C 45 -26.72 -23.58 -9.91
CA VAL C 45 -27.94 -23.10 -9.24
C VAL C 45 -29.12 -23.51 -10.14
N THR C 46 -30.23 -23.84 -9.52
CA THR C 46 -31.44 -24.25 -10.22
C THR C 46 -32.46 -23.12 -10.14
N ASP C 47 -33.07 -22.73 -11.29
CA ASP C 47 -34.09 -21.67 -11.29
C ASP C 47 -35.45 -22.27 -10.86
N GLU C 48 -36.53 -21.44 -10.83
CA GLU C 48 -37.86 -21.88 -10.44
C GLU C 48 -38.43 -23.03 -11.32
N ASN C 49 -38.02 -23.14 -12.60
CA ASN C 49 -38.52 -24.21 -13.48
CA ASN C 49 -38.49 -24.18 -13.52
C ASN C 49 -37.61 -25.46 -13.42
N GLY C 50 -36.66 -25.49 -12.49
CA GLY C 50 -35.80 -26.66 -12.33
C GLY C 50 -34.60 -26.75 -13.23
N GLN C 51 -34.30 -25.67 -14.00
CA GLN C 51 -33.14 -25.70 -14.90
C GLN C 51 -31.88 -25.38 -14.13
N GLU C 52 -30.82 -26.22 -14.31
CA GLU C 52 -29.54 -25.93 -13.66
C GLU C 52 -28.65 -25.03 -14.56
N TYR C 53 -27.93 -24.11 -13.92
CA TYR C 53 -27.03 -23.17 -14.57
C TYR C 53 -25.72 -23.13 -13.84
N PRO C 54 -24.57 -22.99 -14.56
CA PRO C 54 -23.28 -22.88 -13.86
C PRO C 54 -23.10 -21.49 -13.21
N VAL C 55 -22.43 -21.48 -12.05
CA VAL C 55 -22.10 -20.22 -11.35
C VAL C 55 -20.77 -19.77 -11.94
N THR C 56 -20.78 -18.81 -12.84
CA THR C 56 -19.56 -18.44 -13.56
C THR C 56 -18.92 -17.17 -13.06
N VAL C 57 -19.64 -16.40 -12.24
CA VAL C 57 -19.12 -15.10 -11.77
C VAL C 57 -19.46 -14.90 -10.30
N ILE C 58 -18.49 -14.37 -9.53
CA ILE C 58 -18.74 -13.87 -8.17
C ILE C 58 -18.95 -12.36 -8.38
N GLY C 59 -20.16 -11.90 -8.20
CA GLY C 59 -20.51 -10.51 -8.49
C GLY C 59 -19.80 -9.48 -7.65
N GLU C 60 -19.81 -8.25 -8.17
CA GLU C 60 -19.26 -7.08 -7.51
C GLU C 60 -19.80 -6.97 -6.06
N LYS C 61 -18.91 -6.83 -5.06
CA LYS C 61 -19.27 -6.69 -3.63
C LYS C 61 -20.14 -7.83 -3.07
N ALA C 62 -20.13 -9.03 -3.70
CA ALA C 62 -21.05 -10.09 -3.23
C ALA C 62 -20.84 -10.45 -1.75
N PHE C 63 -19.58 -10.52 -1.30
CA PHE C 63 -19.21 -10.88 0.08
C PHE C 63 -18.62 -9.71 0.85
N GLU C 64 -18.76 -8.50 0.32
CA GLU C 64 -18.17 -7.30 0.93
C GLU C 64 -18.56 -7.18 2.41
N GLU C 65 -17.55 -7.00 3.29
CA GLU C 65 -17.69 -6.79 4.75
C GLU C 65 -18.38 -7.95 5.48
N THR C 66 -18.23 -9.18 5.00
CA THR C 66 -18.88 -10.29 5.68
C THR C 66 -17.88 -10.94 6.65
N ASN C 67 -18.39 -11.85 7.48
CA ASN C 67 -17.64 -12.51 8.56
C ASN C 67 -17.00 -13.81 8.10
N ILE C 68 -16.95 -14.09 6.80
CA ILE C 68 -16.41 -15.37 6.33
C ILE C 68 -14.95 -15.56 6.76
N THR C 69 -14.61 -16.81 7.12
CA THR C 69 -13.25 -17.17 7.52
C THR C 69 -12.56 -17.92 6.40
N GLY C 70 -13.36 -18.53 5.53
CA GLY C 70 -12.84 -19.29 4.40
C GLY C 70 -13.83 -19.34 3.26
N VAL C 71 -13.33 -19.61 2.05
CA VAL C 71 -14.19 -19.68 0.87
C VAL C 71 -13.60 -20.64 -0.15
N THR C 72 -14.48 -21.45 -0.76
CA THR C 72 -14.17 -22.24 -1.94
C THR C 72 -14.93 -21.62 -3.09
N VAL C 73 -14.20 -21.14 -4.07
CA VAL C 73 -14.73 -20.58 -5.33
C VAL C 73 -14.71 -21.79 -6.27
N PRO C 74 -15.89 -22.34 -6.67
CA PRO C 74 -15.89 -23.58 -7.45
C PRO C 74 -15.32 -23.40 -8.84
N ASP C 75 -14.92 -24.52 -9.47
CA ASP C 75 -14.25 -24.59 -10.76
C ASP C 75 -15.16 -24.11 -11.93
N SER C 76 -16.44 -23.80 -11.65
CA SER C 76 -17.34 -23.22 -12.65
C SER C 76 -17.06 -21.70 -12.85
N VAL C 77 -16.41 -21.05 -11.87
CA VAL C 77 -16.19 -19.58 -11.85
C VAL C 77 -15.05 -19.15 -12.80
N ILE C 78 -15.35 -18.18 -13.65
CA ILE C 78 -14.44 -17.61 -14.66
C ILE C 78 -13.92 -16.25 -14.21
N SER C 79 -14.73 -15.53 -13.44
CA SER C 79 -14.36 -14.17 -13.02
C SER C 79 -14.82 -13.86 -11.62
N ILE C 80 -13.99 -13.11 -10.88
CA ILE C 80 -14.32 -12.63 -9.54
C ILE C 80 -14.42 -11.11 -9.69
N GLY C 81 -15.59 -10.58 -9.36
CA GLY C 81 -15.91 -9.18 -9.54
C GLY C 81 -15.20 -8.21 -8.62
N ARG C 82 -15.38 -6.94 -8.93
CA ARG C 82 -14.81 -5.82 -8.18
C ARG C 82 -15.24 -5.87 -6.71
N LEU C 83 -14.30 -5.74 -5.77
CA LEU C 83 -14.61 -5.74 -4.32
C LEU C 83 -15.43 -6.95 -3.87
N ALA C 84 -15.38 -8.09 -4.60
CA ALA C 84 -16.22 -9.25 -4.27
C ALA C 84 -16.03 -9.73 -2.83
N PHE C 85 -14.79 -9.75 -2.35
CA PHE C 85 -14.47 -10.21 -0.97
C PHE C 85 -13.79 -9.12 -0.18
N ALA C 86 -13.99 -7.89 -0.55
CA ALA C 86 -13.35 -6.78 0.12
C ALA C 86 -13.84 -6.61 1.54
N TYR C 87 -12.94 -6.16 2.42
N TYR C 87 -12.95 -6.17 2.42
CA TYR C 87 -13.19 -5.84 3.83
CA TYR C 87 -13.17 -5.86 3.84
C TYR C 87 -13.69 -7.05 4.65
C TYR C 87 -13.68 -7.06 4.66
N CYS C 88 -13.26 -8.27 4.28
CA CYS C 88 -13.63 -9.50 5.02
C CYS C 88 -12.48 -9.76 5.96
N ASN C 89 -12.51 -9.11 7.11
CA ASN C 89 -11.37 -9.14 8.03
C ASN C 89 -11.14 -10.47 8.77
N SER C 90 -12.00 -11.49 8.59
CA SER C 90 -11.71 -12.79 9.18
C SER C 90 -11.32 -13.79 8.11
N LEU C 91 -11.32 -13.37 6.82
CA LEU C 91 -11.01 -14.28 5.72
C LEU C 91 -9.52 -14.63 5.68
N SER C 92 -9.19 -15.90 5.89
CA SER C 92 -7.79 -16.30 5.85
C SER C 92 -7.52 -17.44 4.87
N ASP C 93 -8.58 -18.15 4.41
CA ASP C 93 -8.40 -19.30 3.53
C ASP C 93 -9.24 -19.17 2.28
N VAL C 94 -8.57 -19.01 1.15
CA VAL C 94 -9.26 -18.81 -0.12
C VAL C 94 -8.84 -19.91 -1.07
N LYS C 95 -9.80 -20.72 -1.53
CA LYS C 95 -9.53 -21.75 -2.53
C LYS C 95 -10.13 -21.25 -3.85
N LEU C 96 -9.29 -20.84 -4.83
CA LEU C 96 -9.84 -20.24 -6.07
C LEU C 96 -10.18 -21.27 -7.15
N SER C 97 -11.09 -20.89 -8.06
CA SER C 97 -11.51 -21.74 -9.20
C SER C 97 -10.34 -22.14 -10.14
N GLU C 98 -10.29 -23.42 -10.56
CA GLU C 98 -9.28 -23.88 -11.54
C GLU C 98 -9.60 -23.41 -12.97
N ASN C 99 -10.72 -22.68 -13.17
CA ASN C 99 -11.02 -22.11 -14.48
C ASN C 99 -11.08 -20.60 -14.38
N LEU C 100 -10.69 -20.04 -13.25
CA LEU C 100 -10.70 -18.60 -13.03
C LEU C 100 -9.77 -17.92 -14.03
N ILE C 101 -10.26 -16.92 -14.72
CA ILE C 101 -9.46 -16.21 -15.70
C ILE C 101 -9.13 -14.80 -15.23
N TYR C 102 -10.13 -14.12 -14.63
CA TYR C 102 -9.97 -12.72 -14.23
CA TYR C 102 -9.99 -12.72 -14.25
C TYR C 102 -10.30 -12.49 -12.78
N ILE C 103 -9.44 -11.70 -12.11
CA ILE C 103 -9.65 -11.26 -10.74
C ILE C 103 -9.73 -9.75 -10.87
N ASN C 104 -10.96 -9.20 -10.73
CA ASN C 104 -11.19 -7.77 -10.92
C ASN C 104 -10.65 -6.94 -9.77
N GLU C 105 -10.64 -5.64 -9.99
CA GLU C 105 -10.05 -4.68 -9.07
C GLU C 105 -10.55 -4.84 -7.64
N LEU C 106 -9.59 -4.83 -6.71
CA LEU C 106 -9.84 -4.84 -5.27
C LEU C 106 -10.74 -6.01 -4.81
N ALA C 107 -10.75 -7.14 -5.52
CA ALA C 107 -11.58 -8.31 -5.19
C ALA C 107 -11.28 -8.85 -3.80
N PHE C 108 -10.01 -8.72 -3.33
CA PHE C 108 -9.61 -9.17 -1.99
C PHE C 108 -8.98 -8.01 -1.23
N ALA C 109 -9.51 -6.81 -1.41
CA ALA C 109 -8.94 -5.62 -0.78
C ALA C 109 -9.25 -5.53 0.70
N SER C 110 -8.30 -4.97 1.47
CA SER C 110 -8.44 -4.69 2.88
C SER C 110 -8.96 -5.93 3.64
N CYS C 111 -8.38 -7.10 3.34
CA CYS C 111 -8.66 -8.37 4.03
C CYS C 111 -7.48 -8.59 4.95
N ASP C 112 -7.57 -8.03 6.14
CA ASP C 112 -6.43 -7.96 7.05
C ASP C 112 -5.98 -9.32 7.64
N ALA C 113 -6.75 -10.39 7.48
CA ALA C 113 -6.33 -11.71 7.98
C ALA C 113 -5.84 -12.62 6.83
N LEU C 114 -5.87 -12.13 5.58
CA LEU C 114 -5.41 -12.92 4.42
C LEU C 114 -3.88 -12.79 4.29
N LYS C 115 -3.16 -13.86 4.63
CA LYS C 115 -1.68 -13.84 4.65
C LYS C 115 -1.06 -14.47 3.41
N GLU C 116 -1.79 -15.35 2.73
CA GLU C 116 -1.31 -16.00 1.53
C GLU C 116 -2.46 -16.32 0.60
N ILE C 117 -2.14 -16.50 -0.68
CA ILE C 117 -3.13 -16.92 -1.67
C ILE C 117 -2.41 -17.70 -2.75
N THR C 118 -3.08 -18.71 -3.28
CA THR C 118 -2.59 -19.50 -4.38
C THR C 118 -3.38 -19.13 -5.63
N ILE C 119 -2.68 -18.71 -6.68
CA ILE C 119 -3.33 -18.30 -7.92
C ILE C 119 -3.36 -19.47 -8.88
N PRO C 120 -4.56 -19.87 -9.35
CA PRO C 120 -4.64 -20.99 -10.31
C PRO C 120 -3.91 -20.68 -11.61
N ALA C 121 -3.42 -21.73 -12.29
CA ALA C 121 -2.71 -21.60 -13.56
C ALA C 121 -3.57 -20.95 -14.66
N SER C 122 -4.90 -21.07 -14.56
CA SER C 122 -5.84 -20.52 -15.56
C SER C 122 -5.93 -18.95 -15.51
N VAL C 123 -5.57 -18.32 -14.38
CA VAL C 123 -5.70 -16.86 -14.23
C VAL C 123 -4.83 -16.19 -15.27
N GLU C 124 -5.40 -15.22 -16.01
CA GLU C 124 -4.67 -14.50 -17.04
C GLU C 124 -4.39 -13.07 -16.66
N LYS C 125 -5.26 -12.49 -15.83
CA LYS C 125 -5.20 -11.07 -15.52
C LYS C 125 -5.73 -10.79 -14.13
N MSE C 126 -5.04 -9.93 -13.40
CA MSE C 126 -5.50 -9.49 -12.07
C MSE C 126 -5.36 -7.98 -12.00
O MSE C 126 -4.27 -7.48 -12.30
CB MSE C 126 -4.64 -10.12 -10.93
CG MSE C 126 -4.57 -11.62 -10.92
SE MSE C 126 -3.47 -12.22 -9.43
CE MSE C 126 -1.67 -11.77 -10.02
N ASP C 127 -6.43 -7.26 -11.66
CA ASP C 127 -6.44 -5.81 -11.46
C ASP C 127 -6.35 -5.57 -9.98
N ASN C 128 -5.17 -5.07 -9.46
CA ASN C 128 -4.79 -4.96 -8.02
C ASN C 128 -5.91 -5.43 -7.07
N PRO C 129 -5.99 -6.75 -6.88
CA PRO C 129 -7.06 -7.29 -6.05
C PRO C 129 -6.76 -7.22 -4.57
N PHE C 130 -5.52 -6.95 -4.18
CA PHE C 130 -5.12 -7.09 -2.78
C PHE C 130 -4.78 -5.80 -2.10
N ARG C 131 -5.08 -4.68 -2.73
CA ARG C 131 -4.80 -3.38 -2.14
C ARG C 131 -5.30 -3.30 -0.68
N TRP C 132 -4.47 -2.77 0.24
CA TRP C 132 -4.77 -2.57 1.67
C TRP C 132 -4.81 -3.88 2.48
N SER C 133 -4.61 -5.04 1.83
CA SER C 133 -4.48 -6.32 2.52
C SER C 133 -2.98 -6.48 2.76
N ASN C 134 -2.47 -5.72 3.72
CA ASN C 134 -1.03 -5.59 3.97
C ASN C 134 -0.39 -6.84 4.65
N ALA C 135 -1.18 -7.78 5.23
CA ALA C 135 -0.63 -9.05 5.70
C ALA C 135 -0.34 -10.01 4.48
N LEU C 136 -0.91 -9.71 3.30
N LEU C 136 -0.85 -9.71 3.27
CA LEU C 136 -0.78 -10.51 2.08
CA LEU C 136 -0.60 -10.59 2.13
C LEU C 136 0.59 -10.25 1.44
C LEU C 136 0.79 -10.30 1.53
N ASP C 137 1.59 -10.91 1.96
N ASP C 137 1.77 -11.04 2.02
CA ASP C 137 2.95 -10.80 1.48
CA ASP C 137 3.19 -10.98 1.66
C ASP C 137 3.20 -11.71 0.27
C ASP C 137 3.58 -11.86 0.50
N THR C 138 2.97 -13.04 0.41
CA THR C 138 3.31 -14.04 -0.59
C THR C 138 2.15 -14.57 -1.42
N VAL C 139 2.48 -14.71 -2.70
CA VAL C 139 1.56 -15.24 -3.69
C VAL C 139 2.19 -16.52 -4.23
N TYR C 140 1.42 -17.61 -4.19
CA TYR C 140 1.87 -18.90 -4.70
C TYR C 140 1.19 -19.21 -5.99
N MSE C 141 1.93 -19.98 -6.83
CA MSE C 141 1.51 -20.53 -8.11
CA MSE C 141 1.50 -20.54 -8.11
C MSE C 141 2.07 -21.95 -8.24
O MSE C 141 3.10 -22.25 -7.64
CB MSE C 141 1.95 -19.65 -9.29
CB MSE C 141 1.92 -19.68 -9.31
CG MSE C 141 1.13 -18.39 -9.47
CG MSE C 141 1.07 -18.45 -9.49
SE MSE C 141 2.28 -16.88 -9.95
SE MSE C 141 1.76 -17.03 -8.40
CE MSE C 141 3.28 -16.76 -8.27
CE MSE C 141 3.23 -16.48 -9.48
N GLU C 142 1.40 -22.81 -8.98
CA GLU C 142 1.82 -24.20 -9.18
C GLU C 142 3.14 -24.29 -9.98
N GLY C 143 3.32 -23.38 -10.94
CA GLY C 143 4.51 -23.35 -11.78
C GLY C 143 4.53 -24.48 -12.78
N MSE C 144 5.72 -24.89 -13.22
CA MSE C 144 5.90 -25.97 -14.17
C MSE C 144 5.88 -27.32 -13.42
O MSE C 144 6.74 -28.16 -13.60
CB MSE C 144 7.21 -25.77 -14.96
CG MSE C 144 6.98 -25.52 -16.44
SE MSE C 144 6.01 -23.87 -16.85
CE MSE C 144 7.12 -23.20 -18.33
N GLU D 6 39.16 -13.81 -8.90
CA GLU D 6 38.95 -14.99 -9.73
C GLU D 6 37.49 -15.45 -9.68
N SER D 7 36.83 -15.32 -8.52
CA SER D 7 35.43 -15.71 -8.33
C SER D 7 34.47 -14.57 -8.73
N THR D 8 35.01 -13.42 -9.15
CA THR D 8 34.22 -12.25 -9.58
CA THR D 8 34.19 -12.28 -9.58
C THR D 8 34.55 -11.97 -11.04
N VAL D 9 33.52 -11.82 -11.88
CA VAL D 9 33.73 -11.55 -13.31
C VAL D 9 32.97 -10.28 -13.66
N GLN D 10 33.64 -9.38 -14.39
CA GLN D 10 33.04 -8.13 -14.85
C GLN D 10 32.73 -8.25 -16.35
N VAL D 11 31.50 -7.94 -16.76
CA VAL D 11 31.11 -7.92 -18.19
C VAL D 11 30.44 -6.57 -18.43
N GLY D 12 31.20 -5.61 -18.94
CA GLY D 12 30.68 -4.25 -19.10
C GLY D 12 30.20 -3.68 -17.78
N PRO D 13 28.91 -3.32 -17.66
CA PRO D 13 28.40 -2.76 -16.40
C PRO D 13 28.01 -3.81 -15.37
N TYR D 14 28.10 -5.10 -15.73
CA TYR D 14 27.68 -6.18 -14.86
C TYR D 14 28.80 -6.82 -14.08
N THR D 15 28.58 -6.99 -12.77
CA THR D 15 29.51 -7.78 -11.91
C THR D 15 28.81 -9.08 -11.58
N PHE D 16 29.51 -10.19 -11.73
CA PHE D 16 28.97 -11.50 -11.40
C PHE D 16 29.85 -12.20 -10.40
N GLU D 17 29.24 -12.93 -9.47
CA GLU D 17 29.97 -13.80 -8.55
C GLU D 17 29.73 -15.24 -9.06
N ILE D 18 30.80 -16.02 -9.25
CA ILE D 18 30.66 -17.38 -9.79
C ILE D 18 30.84 -18.36 -8.62
N TRP D 19 29.94 -19.34 -8.54
CA TRP D 19 29.89 -20.26 -7.40
C TRP D 19 30.45 -21.60 -7.74
N PHE D 20 30.83 -22.34 -6.72
CA PHE D 20 31.36 -23.69 -6.80
C PHE D 20 30.39 -24.62 -7.54
N ASP D 21 29.08 -24.41 -7.40
CA ASP D 21 28.08 -25.26 -8.04
C ASP D 21 27.95 -24.99 -9.55
N GLY D 22 28.77 -24.09 -10.06
CA GLY D 22 28.84 -23.77 -11.49
C GLY D 22 27.82 -22.77 -11.97
N THR D 23 27.20 -22.01 -11.06
CA THR D 23 26.21 -21.00 -11.44
C THR D 23 26.77 -19.63 -11.13
N ALA D 24 26.16 -18.60 -11.69
CA ALA D 24 26.60 -17.24 -11.45
C ALA D 24 25.44 -16.38 -10.93
N THR D 25 25.78 -15.44 -10.05
CA THR D 25 24.83 -14.44 -9.55
C THR D 25 25.24 -13.08 -10.04
N LEU D 26 24.30 -12.32 -10.61
N LEU D 26 24.29 -12.31 -10.61
CA LEU D 26 24.54 -10.93 -11.00
CA LEU D 26 24.54 -10.92 -10.99
C LEU D 26 24.48 -10.12 -9.71
C LEU D 26 24.48 -10.13 -9.69
N THR D 27 25.64 -9.64 -9.21
CA THR D 27 25.66 -8.94 -7.93
C THR D 27 25.53 -7.43 -8.04
N ARG D 28 25.94 -6.82 -9.18
CA ARG D 28 25.91 -5.36 -9.30
CA ARG D 28 25.89 -5.36 -9.29
C ARG D 28 25.82 -4.91 -10.75
N TYR D 29 25.05 -3.83 -10.99
CA TYR D 29 24.94 -3.14 -12.26
C TYR D 29 25.52 -1.76 -12.04
N ASP D 30 26.56 -1.41 -12.78
CA ASP D 30 27.20 -0.09 -12.64
C ASP D 30 26.80 0.77 -13.83
N GLU D 31 25.86 1.70 -13.61
CA GLU D 31 25.32 2.52 -14.69
C GLU D 31 26.40 3.39 -15.40
N SER D 32 27.50 3.77 -14.71
CA SER D 32 28.59 4.56 -15.29
CA SER D 32 28.59 4.57 -15.29
C SER D 32 29.37 3.77 -16.35
N LEU D 33 29.23 2.42 -16.35
CA LEU D 33 29.94 1.58 -17.33
C LEU D 33 29.02 1.10 -18.46
N ALA D 34 27.72 1.40 -18.37
CA ALA D 34 26.74 0.92 -19.35
C ALA D 34 26.76 1.74 -20.65
N GLY D 35 26.45 1.08 -21.77
CA GLY D 35 26.33 1.72 -23.07
C GLY D 35 24.98 2.36 -23.32
N SER D 36 23.96 1.98 -22.52
CA SER D 36 22.57 2.49 -22.63
C SER D 36 21.84 2.24 -21.33
N THR D 37 20.59 2.68 -21.23
CA THR D 37 19.74 2.46 -20.05
C THR D 37 18.91 1.16 -20.20
N TYR D 38 19.20 0.38 -21.27
CA TYR D 38 18.54 -0.90 -21.51
C TYR D 38 19.43 -2.05 -20.98
N ALA D 39 18.99 -2.71 -19.88
CA ALA D 39 19.80 -3.77 -19.29
C ALA D 39 19.43 -5.11 -19.88
N ASP D 40 20.17 -5.53 -20.91
CA ASP D 40 19.95 -6.81 -21.56
C ASP D 40 20.90 -7.77 -20.87
N ILE D 41 20.42 -8.39 -19.78
CA ILE D 41 21.29 -9.20 -18.91
C ILE D 41 21.80 -10.47 -19.64
N PRO D 42 23.12 -10.75 -19.63
CA PRO D 42 23.61 -11.98 -20.27
C PRO D 42 23.12 -13.24 -19.56
N ALA D 43 22.84 -14.29 -20.35
CA ALA D 43 22.36 -15.57 -19.82
C ALA D 43 23.51 -16.39 -19.23
N SER D 44 24.76 -16.05 -19.61
CA SER D 44 25.92 -16.77 -19.12
C SER D 44 27.13 -15.86 -19.00
N VAL D 45 28.12 -16.30 -18.21
CA VAL D 45 29.37 -15.57 -17.99
CA VAL D 45 29.38 -15.58 -18.04
C VAL D 45 30.54 -16.57 -18.07
N THR D 46 31.66 -16.15 -18.62
CA THR D 46 32.81 -17.04 -18.69
C THR D 46 33.93 -16.54 -17.81
N ASP D 47 34.62 -17.48 -17.13
CA ASP D 47 35.75 -17.13 -16.28
C ASP D 47 37.03 -17.07 -17.13
N GLU D 48 38.18 -16.80 -16.50
CA GLU D 48 39.48 -16.66 -17.18
C GLU D 48 39.90 -17.94 -17.94
N ASN D 49 39.42 -19.13 -17.53
CA ASN D 49 39.79 -20.36 -18.24
C ASN D 49 38.77 -20.75 -19.31
N GLY D 50 37.79 -19.89 -19.56
CA GLY D 50 36.78 -20.18 -20.59
C GLY D 50 35.60 -21.04 -20.14
N GLN D 51 35.50 -21.37 -18.82
CA GLN D 51 34.35 -22.12 -18.32
C GLN D 51 33.13 -21.17 -18.28
N GLU D 52 32.02 -21.65 -18.81
CA GLU D 52 30.74 -20.96 -18.90
C GLU D 52 29.90 -21.22 -17.67
N TYR D 53 29.32 -20.17 -17.09
CA TYR D 53 28.43 -20.23 -15.92
C TYR D 53 27.07 -19.64 -16.25
N PRO D 54 25.95 -20.40 -16.17
CA PRO D 54 24.64 -19.76 -16.38
C PRO D 54 24.36 -18.72 -15.29
N VAL D 55 23.75 -17.62 -15.65
CA VAL D 55 23.37 -16.57 -14.70
C VAL D 55 22.00 -16.97 -14.13
N THR D 56 21.97 -17.55 -12.92
CA THR D 56 20.72 -18.09 -12.38
C THR D 56 20.05 -17.18 -11.36
N VAL D 57 20.78 -16.17 -10.85
CA VAL D 57 20.23 -15.32 -9.81
C VAL D 57 20.55 -13.86 -10.10
N ILE D 58 19.57 -12.97 -9.86
CA ILE D 58 19.78 -11.51 -9.83
C ILE D 58 19.92 -11.22 -8.36
N GLY D 59 21.13 -10.86 -7.93
CA GLY D 59 21.42 -10.68 -6.52
C GLY D 59 20.66 -9.56 -5.84
N GLU D 60 20.61 -9.63 -4.52
CA GLU D 60 19.98 -8.62 -3.66
C GLU D 60 20.55 -7.22 -4.00
N LYS D 61 19.66 -6.25 -4.22
CA LYS D 61 20.01 -4.85 -4.54
C LYS D 61 20.94 -4.68 -5.75
N ALA D 62 21.03 -5.67 -6.68
CA ALA D 62 21.99 -5.57 -7.81
C ALA D 62 21.80 -4.29 -8.64
N PHE D 63 20.54 -3.88 -8.89
CA PHE D 63 20.23 -2.69 -9.69
C PHE D 63 19.65 -1.57 -8.87
N GLU D 64 19.82 -1.60 -7.56
CA GLU D 64 19.24 -0.60 -6.66
C GLU D 64 19.59 0.83 -7.08
N GLU D 65 18.56 1.70 -7.21
CA GLU D 65 18.67 3.13 -7.52
C GLU D 65 19.42 3.41 -8.84
N THR D 66 19.31 2.52 -9.84
CA THR D 66 19.98 2.77 -11.11
C THR D 66 19.01 3.46 -12.08
N ASN D 67 19.55 3.94 -13.22
CA ASN D 67 18.80 4.74 -14.19
C ASN D 67 18.17 3.88 -15.30
N ILE D 68 18.15 2.55 -15.14
CA ILE D 68 17.63 1.68 -16.21
C ILE D 68 16.19 2.02 -16.58
N THR D 69 15.89 1.94 -17.87
CA THR D 69 14.56 2.21 -18.41
C THR D 69 13.86 0.90 -18.80
N GLY D 70 14.66 -0.13 -19.05
CA GLY D 70 14.14 -1.44 -19.42
C GLY D 70 15.10 -2.52 -19.01
N VAL D 71 14.59 -3.74 -18.84
CA VAL D 71 15.44 -4.88 -18.48
C VAL D 71 14.87 -6.15 -19.08
N THR D 72 15.77 -7.01 -19.57
CA THR D 72 15.45 -8.36 -19.98
C THR D 72 16.18 -9.27 -19.01
N VAL D 73 15.44 -10.09 -18.28
CA VAL D 73 15.96 -11.08 -17.35
C VAL D 73 15.99 -12.37 -18.19
N PRO D 74 17.18 -12.90 -18.56
CA PRO D 74 17.24 -14.05 -19.49
C PRO D 74 16.69 -15.35 -18.88
N ASP D 75 16.35 -16.34 -19.75
CA ASP D 75 15.77 -17.64 -19.39
CA ASP D 75 15.77 -17.64 -19.39
C ASP D 75 16.67 -18.50 -18.48
N SER D 76 17.88 -18.05 -18.20
CA SER D 76 18.79 -18.78 -17.30
C SER D 76 18.43 -18.46 -15.83
N VAL D 77 17.76 -17.32 -15.57
CA VAL D 77 17.48 -16.87 -14.19
C VAL D 77 16.35 -17.66 -13.53
N ILE D 78 16.63 -18.15 -12.31
CA ILE D 78 15.72 -18.94 -11.47
C ILE D 78 15.14 -18.08 -10.37
N SER D 79 15.92 -17.09 -9.87
CA SER D 79 15.48 -16.25 -8.76
CA SER D 79 15.48 -16.25 -8.75
C SER D 79 15.88 -14.81 -8.92
N ILE D 80 15.01 -13.89 -8.50
CA ILE D 80 15.29 -12.47 -8.46
C ILE D 80 15.34 -12.14 -6.97
N GLY D 81 16.46 -11.63 -6.52
CA GLY D 81 16.73 -11.33 -5.12
C GLY D 81 15.96 -10.16 -4.54
N ARG D 82 16.06 -10.03 -3.22
CA ARG D 82 15.43 -8.97 -2.45
C ARG D 82 15.89 -7.60 -2.95
N LEU D 83 14.93 -6.68 -3.19
CA LEU D 83 15.25 -5.31 -3.63
C LEU D 83 16.17 -5.26 -4.85
N ALA D 84 16.18 -6.30 -5.70
CA ALA D 84 17.10 -6.36 -6.87
C ALA D 84 16.97 -5.12 -7.77
N PHE D 85 15.74 -4.65 -8.01
CA PHE D 85 15.49 -3.48 -8.87
C PHE D 85 14.84 -2.36 -8.08
N ALA D 86 15.13 -2.29 -6.77
CA ALA D 86 14.54 -1.26 -5.95
C ALA D 86 14.95 0.15 -6.33
N TYR D 87 13.96 1.08 -6.31
N TYR D 87 13.97 1.08 -6.33
CA TYR D 87 14.11 2.51 -6.56
CA TYR D 87 14.14 2.52 -6.58
C TYR D 87 14.68 2.82 -7.96
C TYR D 87 14.69 2.82 -7.98
N CYS D 88 14.36 1.96 -8.95
CA CYS D 88 14.72 2.16 -10.34
C CYS D 88 13.57 2.99 -10.92
N ASN D 89 13.60 4.30 -10.65
CA ASN D 89 12.54 5.27 -10.96
C ASN D 89 12.24 5.47 -12.43
N SER D 90 13.10 5.04 -13.35
CA SER D 90 12.84 5.19 -14.80
C SER D 90 12.50 3.86 -15.44
N LEU D 91 12.45 2.78 -14.65
CA LEU D 91 12.18 1.45 -15.18
C LEU D 91 10.70 1.27 -15.58
N SER D 92 10.46 1.13 -16.89
CA SER D 92 9.09 0.99 -17.38
C SER D 92 8.85 -0.30 -18.17
N ASP D 93 9.87 -1.09 -18.44
CA ASP D 93 9.67 -2.30 -19.23
C ASP D 93 10.49 -3.42 -18.63
N VAL D 94 9.82 -4.45 -18.13
CA VAL D 94 10.49 -5.60 -17.52
C VAL D 94 10.09 -6.85 -18.28
N LYS D 95 11.07 -7.53 -18.86
CA LYS D 95 10.81 -8.80 -19.52
C LYS D 95 11.38 -9.89 -18.64
N LEU D 96 10.46 -10.72 -18.16
N LEU D 96 10.52 -10.73 -18.01
CA LEU D 96 10.73 -11.92 -17.38
CA LEU D 96 11.00 -11.73 -17.03
C LEU D 96 10.60 -13.07 -18.34
C LEU D 96 11.41 -13.10 -17.61
N SER D 97 11.43 -14.07 -18.12
N SER D 97 12.31 -13.84 -16.89
CA SER D 97 11.51 -15.19 -19.02
CA SER D 97 12.80 -15.15 -17.29
C SER D 97 11.05 -16.48 -18.33
C SER D 97 11.67 -16.19 -17.39
N GLU D 98 10.53 -17.41 -19.14
N GLU D 98 11.62 -17.01 -18.49
CA GLU D 98 10.12 -18.72 -18.65
CA GLU D 98 10.58 -18.03 -18.65
C GLU D 98 11.36 -19.46 -18.17
C GLU D 98 10.86 -19.28 -17.79
N ASN D 99 11.29 -19.90 -16.89
N ASN D 99 12.01 -19.29 -17.06
CA ASN D 99 12.24 -20.60 -16.01
CA ASN D 99 12.39 -20.36 -16.13
C ASN D 99 12.35 -19.89 -14.65
C ASN D 99 12.49 -19.79 -14.73
N LEU D 100 11.94 -18.60 -14.55
CA LEU D 100 11.96 -17.90 -13.26
C LEU D 100 11.02 -18.60 -12.29
N ILE D 101 11.52 -18.92 -11.08
CA ILE D 101 10.73 -19.65 -10.09
C ILE D 101 10.35 -18.74 -8.92
N TYR D 102 11.32 -17.92 -8.45
CA TYR D 102 11.15 -17.09 -7.25
C TYR D 102 11.37 -15.63 -7.48
N ILE D 103 10.49 -14.79 -6.94
CA ILE D 103 10.63 -13.32 -6.96
C ILE D 103 10.62 -12.91 -5.51
N ASN D 104 11.78 -12.55 -4.97
CA ASN D 104 11.92 -12.23 -3.56
C ASN D 104 11.31 -10.89 -3.17
N GLU D 105 11.26 -10.62 -1.88
CA GLU D 105 10.60 -9.44 -1.32
C GLU D 105 11.08 -8.15 -1.93
N LEU D 106 10.09 -7.32 -2.34
CA LEU D 106 10.32 -5.97 -2.87
C LEU D 106 11.34 -5.94 -4.00
N ALA D 107 11.29 -6.97 -4.87
CA ALA D 107 12.23 -7.07 -5.99
C ALA D 107 12.16 -5.84 -6.87
N PHE D 108 10.95 -5.24 -7.07
CA PHE D 108 10.79 -4.01 -7.88
C PHE D 108 10.21 -2.87 -7.04
N ALA D 109 10.64 -2.76 -5.78
CA ALA D 109 10.15 -1.73 -4.84
C ALA D 109 10.31 -0.32 -5.38
N SER D 110 9.21 0.46 -5.39
CA SER D 110 9.23 1.85 -5.83
C SER D 110 9.70 2.00 -7.30
N CYS D 111 9.39 1.01 -8.16
CA CYS D 111 9.64 1.13 -9.59
C CYS D 111 8.34 1.72 -10.11
N ASP D 112 8.11 2.98 -9.74
CA ASP D 112 6.85 3.66 -9.94
C ASP D 112 6.59 4.14 -11.38
N ALA D 113 7.51 3.90 -12.32
CA ALA D 113 7.25 4.14 -13.74
C ALA D 113 6.78 2.80 -14.40
N LEU D 114 6.71 1.70 -13.60
CA LEU D 114 6.33 0.38 -14.12
C LEU D 114 4.79 0.27 -14.09
N LYS D 115 4.17 0.24 -15.28
CA LYS D 115 2.70 0.26 -15.40
C LYS D 115 2.08 -1.12 -15.62
N GLU D 116 2.84 -2.10 -16.08
CA GLU D 116 2.32 -3.46 -16.27
C GLU D 116 3.48 -4.44 -16.18
N ILE D 117 3.17 -5.69 -15.85
CA ILE D 117 4.19 -6.73 -15.82
C ILE D 117 3.48 -8.06 -16.15
N THR D 118 4.21 -8.93 -16.81
CA THR D 118 3.73 -10.27 -17.15
C THR D 118 4.55 -11.26 -16.36
N ILE D 119 3.87 -12.09 -15.57
CA ILE D 119 4.51 -13.11 -14.75
C ILE D 119 4.58 -14.42 -15.53
N PRO D 120 5.79 -15.00 -15.70
CA PRO D 120 5.92 -16.27 -16.42
C PRO D 120 5.20 -17.42 -15.71
N ALA D 121 4.77 -18.41 -16.48
CA ALA D 121 4.06 -19.59 -15.97
C ALA D 121 4.95 -20.40 -15.00
N SER D 122 6.27 -20.29 -15.11
CA SER D 122 7.20 -21.04 -14.25
C SER D 122 7.25 -20.51 -12.80
N VAL D 123 6.85 -19.26 -12.55
CA VAL D 123 6.96 -18.64 -11.22
C VAL D 123 6.10 -19.43 -10.24
N GLU D 124 6.67 -19.80 -9.08
CA GLU D 124 5.96 -20.58 -8.07
C GLU D 124 5.68 -19.78 -6.81
N LYS D 125 6.51 -18.78 -6.53
CA LYS D 125 6.36 -18.00 -5.30
C LYS D 125 6.88 -16.60 -5.50
N MSE D 126 6.08 -15.61 -5.15
CA MSE D 126 6.51 -14.25 -5.31
C MSE D 126 5.94 -13.37 -4.24
O MSE D 126 4.91 -13.67 -3.65
CB MSE D 126 6.13 -13.67 -6.69
CG MSE D 126 4.64 -13.65 -6.97
SE MSE D 126 4.32 -12.90 -8.74
CE MSE D 126 2.26 -12.99 -8.70
N ASP D 127 6.64 -12.26 -4.00
CA ASP D 127 6.18 -11.15 -3.18
C ASP D 127 4.98 -10.57 -3.95
N ASN D 128 3.97 -10.08 -3.25
CA ASN D 128 2.81 -9.47 -3.92
C ASN D 128 3.31 -8.41 -4.93
N PRO D 129 3.12 -8.57 -6.26
CA PRO D 129 3.69 -7.61 -7.22
C PRO D 129 3.02 -6.23 -7.17
N PHE D 130 1.83 -6.13 -6.59
CA PHE D 130 1.16 -4.84 -6.48
C PHE D 130 1.83 -3.92 -5.42
N ARG D 131 2.78 -4.43 -4.63
CA ARG D 131 3.50 -3.59 -3.65
C ARG D 131 4.59 -2.77 -4.32
N TRP D 132 5.05 -3.22 -5.46
CA TRP D 132 6.20 -2.68 -6.15
C TRP D 132 6.04 -1.27 -6.71
N SER D 133 4.95 -1.04 -7.44
CA SER D 133 4.74 0.20 -8.16
C SER D 133 3.38 0.76 -7.92
N ASN D 134 3.31 2.08 -7.69
CA ASN D 134 2.12 2.90 -7.52
CA ASN D 134 2.02 2.69 -7.47
C ASN D 134 1.34 3.02 -8.82
N ALA D 135 1.98 2.67 -9.95
CA ALA D 135 1.35 2.84 -11.26
C ALA D 135 0.95 1.48 -11.88
N LEU D 136 1.18 0.39 -11.13
CA LEU D 136 0.90 -0.97 -11.61
C LEU D 136 -0.53 -1.37 -11.31
N ASP D 137 -1.42 -1.13 -12.28
CA ASP D 137 -2.85 -1.43 -12.10
C ASP D 137 -3.18 -2.90 -12.34
N THR D 138 -2.45 -3.51 -13.26
CA THR D 138 -2.72 -4.85 -13.73
C THR D 138 -1.44 -5.69 -13.85
N VAL D 139 -1.58 -6.96 -13.44
CA VAL D 139 -0.54 -7.98 -13.57
C VAL D 139 -1.12 -9.05 -14.52
N TYR D 140 -0.36 -9.39 -15.55
CA TYR D 140 -0.75 -10.42 -16.51
C TYR D 140 -0.02 -11.69 -16.18
N MSE D 141 -0.66 -12.83 -16.41
CA MSE D 141 -0.03 -14.14 -16.13
C MSE D 141 0.13 -14.85 -17.42
O MSE D 141 -0.89 -15.07 -18.09
CB MSE D 141 -0.85 -14.98 -15.14
CG MSE D 141 -1.38 -14.18 -13.93
SE MSE D 141 0.03 -13.91 -12.66
CE MSE D 141 0.44 -15.77 -12.27
N GLU D 142 1.35 -15.17 -17.84
CA GLU D 142 1.45 -15.86 -19.13
CA GLU D 142 1.58 -15.89 -19.10
C GLU D 142 1.17 -17.36 -18.93
N GLY D 143 0.60 -17.96 -19.95
CA GLY D 143 0.22 -19.37 -19.95
C GLY D 143 1.38 -20.27 -20.31
C1 EDO E . 20.49 10.98 26.24
O1 EDO E . 19.40 10.82 25.33
C2 EDO E . 21.50 9.85 26.02
O2 EDO E . 21.70 9.65 24.64
C1 EDO F . -2.72 -1.52 15.59
O1 EDO F . -2.67 -0.12 15.35
C2 EDO F . -4.16 -1.97 15.87
O2 EDO F . -4.99 -1.57 14.79
C1 EDO G . 27.34 15.44 24.85
O1 EDO G . 27.56 15.90 23.52
C2 EDO G . 27.94 14.05 25.03
O2 EDO G . 29.32 14.10 24.74
MG MG H . 8.05 -7.33 4.78
MG MG I . -0.45 18.24 13.59
C1 EDO J . 2.34 12.34 -8.87
O1 EDO J . 1.70 12.68 -7.64
C2 EDO J . 2.48 10.80 -9.02
O2 EDO J . 3.25 10.28 -7.93
C1 EDO K . -23.36 11.27 16.44
O1 EDO K . -23.04 11.93 17.68
C2 EDO K . -23.99 9.88 16.69
O2 EDO K . -25.05 9.99 17.64
C1 EDO L . -18.94 7.54 -12.60
O1 EDO L . -18.62 8.90 -12.27
C2 EDO L . -17.79 6.60 -12.10
O2 EDO L . -17.46 6.85 -10.74
C1 EDO M . -22.46 -13.16 -18.36
O1 EDO M . -21.88 -14.46 -18.44
C2 EDO M . -22.48 -12.66 -16.91
O2 EDO M . -23.03 -11.34 -16.89
MG MG N . -7.51 -2.53 8.00
C1 EDO O . 20.02 8.52 -11.86
O1 EDO O . 18.72 8.18 -12.35
C2 EDO O . 20.41 7.62 -10.65
O2 EDO O . 20.62 6.28 -11.07
C1 EDO P . 24.46 -1.57 -6.54
O1 EDO P . 23.76 -2.45 -5.65
C2 EDO P . 23.53 -0.86 -7.54
O2 EDO P . 23.46 0.52 -7.21
C1 EDO Q . -2.74 4.30 -11.96
O1 EDO Q . -2.16 3.54 -10.88
C2 EDO Q . -1.69 4.58 -13.08
O2 EDO Q . -1.15 3.38 -13.62
C1 EDO R . 22.30 0.26 0.96
O1 EDO R . 23.41 0.96 1.54
C2 EDO R . 22.81 -0.69 -0.14
O2 EDO R . 23.58 -1.75 0.43
C1 EDO S . 1.26 -21.29 -12.92
O1 EDO S . 2.58 -20.92 -12.59
C2 EDO S . 0.36 -20.07 -12.72
O2 EDO S . 0.74 -19.05 -13.63
C1 EDO T . 24.29 -4.97 -2.37
O1 EDO T . 24.77 -4.74 -3.70
C2 EDO T . 24.33 -6.48 -2.05
O2 EDO T . 23.76 -6.74 -0.78
#